data_9KRN
#
_entry.id   9KRN
#
_cell.length_a   1.00
_cell.length_b   1.00
_cell.length_c   1.00
_cell.angle_alpha   90.00
_cell.angle_beta   90.00
_cell.angle_gamma   90.00
#
_symmetry.space_group_name_H-M   'P 1'
#
loop_
_entity.id
_entity.type
_entity.pdbx_description
1 polymer 'ATP-binding cassette sub-family C member 4'
2 non-polymer '(Z)-7-[(1R,2R,3R)-3-hydroxy-2-[(E,3S)-3-hydroxyoct-1-enyl]-5-oxo-cyclopentyl]hept-5-enoic acid'
#
_entity_poly.entity_id   1
_entity_poly.type   'polypeptide(L)'
_entity_poly.pdbx_seq_one_letter_code
;MLPVYQEVKPNPLQDANLCSRVFFWWLNPLFKIGHKRRLEEDDMYSVLPEDRSQHLGEELQGFWDKEVLRAENDAQKPSL
TRAIIKCYWKSYLVLGIFTLIEESAKVIQPIFLGKIINYFENYDPMDSVALNTAYAYATVLTFCTLILAILHHLYFYHVQ
CAGMRLRVAMCHMIYRKALRLSNMAMGKTTTGQIVNLLSNDVNKFDQVTVFLHFLWAGPLQAIAVTALLWMEIGISCLAG
MAVLIILLPLQSCFGKLFSSLRSKTATFTDARIRTMNEVITGIRIIKMYAWEKSFSNLITNLRKKEISKILRSSCLRGMN
LASFFSASKIIVFVTFTTYVLLGSVITASRVFVAVTLYGAVRLTVTLFFPSAIERVSEAIVSIRRIQTFLLLDEISQRNR
QLPSDGKKMVHVQDFTAFWDKASETPTLQGLSFTVRPGELLAVVGPVGAGKSSLLSAVLGELAPSHGLVSVHGRIAYVSQ
QPWVFSGTLRSNILFGKKYEKERYEKVIKACALKKDLQLLEDGDLTVIGDRGTTLSGGQKARVNLARAVYQDADIYLLDD
PLSAVDAEVSRHLFELCICQILHEKITILVTHQLQYLKAASQILILKDGKMVQKGTYTEFLKSGIDFGSLLKKDNEESEQ
PPVPGTPTLRNRTFSESSVWSQQSSRPSLKDGALESQDTENVPVTLSEENRSEGKVGFQAYKNYFRAGAHWIVFIFLILL
NTAAQVAYVLQDWWLSYWANKQSMLNVTVNGGGNVTEKLDLNWYLGIYSGLTVATVLFGIARSLLVFYVLVNSSQTLHNK
MFESILKAPVLFFDRNPIGRILNRFSKDIGHLDDLLPLTFLDFIQTLLQVVGVVSVAVAVIPWIAIPLVPLGIIFIFLRR
YFLETSRDVKRLESTTRSPVFSHLSSSLQGLWTIRAYKAEERCQELFDAHQDLHSEAWFLFLTTSRWFAVRLDAICAMFV
IIVAFGSLILAKTLDAGQVGLALSYALTLMGMFQWCVRQSAEVENMMISVERVIEYTDLEKEAPWEYQKRPPPAWPHEGV
IIFDNVNFMYSPGGPLVLKHLTALIKSQEKVGIVGRTGAGKSSLISALFRLSEPEGKIWIDKILTTEIGLHDLRKKMSII
PQEPVLFTGTMRKNLDPFNEHTDEELWNALQEVQLKETIEDLPGKMDTELAESGSNFSVGQRQLVCLARAILRKNQILII
DEATANVDPRTDELIQKKIREKFAHCTVLTIAHRLNTIIDSDKIMVLDSGRLKEYDEPYVLLQNKESLFYKMVQQLGKAE
AAALTETAKQVYFKRNYPHIGHTDHMVTNTSNGQPSTLTIFETAL
;
_entity_poly.pdbx_strand_id   A
#
loop_
_chem_comp.id
_chem_comp.type
_chem_comp.name
_chem_comp.formula
P2E non-polymer '(Z)-7-[(1R,2R,3R)-3-hydroxy-2-[(E,3S)-3-hydroxyoct-1-enyl]-5-oxo-cyclopentyl]hept-5-enoic acid' 'C20 H32 O5'
#
# COMPACT_ATOMS: atom_id res chain seq x y z
N VAL A 8 32.19 -2.83 -24.78
CA VAL A 8 31.15 -2.91 -23.75
C VAL A 8 30.38 -1.58 -23.72
N LYS A 9 30.31 -0.93 -22.56
CA LYS A 9 29.56 0.32 -22.40
C LYS A 9 30.31 1.21 -21.42
N PRO A 10 31.36 1.91 -21.89
CA PRO A 10 32.12 2.77 -20.98
C PRO A 10 31.27 3.88 -20.37
N ASN A 11 31.31 3.99 -19.03
CA ASN A 11 30.50 5.01 -18.37
C ASN A 11 31.31 6.28 -18.16
N PRO A 12 30.71 7.47 -18.31
CA PRO A 12 31.49 8.71 -18.23
C PRO A 12 31.81 9.16 -16.81
N LEU A 13 31.39 8.41 -15.79
CA LEU A 13 31.66 8.84 -14.42
C LEU A 13 33.15 9.08 -14.20
N GLN A 14 33.98 8.31 -14.90
CA GLN A 14 35.41 8.58 -14.96
C GLN A 14 35.71 9.39 -16.22
N ASP A 15 36.87 10.05 -16.21
CA ASP A 15 37.21 11.00 -17.25
C ASP A 15 36.20 12.13 -17.27
N ALA A 16 35.91 12.69 -16.09
CA ALA A 16 34.97 13.79 -15.96
C ALA A 16 35.51 14.73 -14.89
N ASN A 17 36.08 15.85 -15.32
CA ASN A 17 36.71 16.79 -14.40
C ASN A 17 35.74 17.26 -13.33
N LEU A 18 36.26 17.86 -12.27
CA LEU A 18 35.40 18.48 -11.28
C LEU A 18 34.65 19.65 -11.92
N CYS A 19 33.78 20.26 -11.13
CA CYS A 19 32.88 21.32 -11.60
C CYS A 19 32.02 20.82 -12.74
N SER A 20 31.96 19.50 -12.93
CA SER A 20 31.12 18.88 -13.94
C SER A 20 30.38 17.66 -13.40
N ARG A 21 30.74 17.17 -12.22
CA ARG A 21 30.00 16.09 -11.56
C ARG A 21 29.32 16.60 -10.30
N VAL A 22 29.39 17.90 -10.05
CA VAL A 22 28.57 18.51 -9.00
C VAL A 22 27.17 18.81 -9.50
N PHE A 23 27.02 19.17 -10.77
CA PHE A 23 25.73 19.34 -11.40
C PHE A 23 25.34 18.13 -12.25
N PHE A 24 26.16 17.07 -12.23
CA PHE A 24 25.87 15.86 -12.98
C PHE A 24 25.65 16.17 -14.45
N TRP A 25 26.54 16.98 -15.03
CA TRP A 25 26.45 17.37 -16.43
C TRP A 25 26.76 16.21 -17.38
N TRP A 26 27.15 15.05 -16.86
CA TRP A 26 27.51 13.91 -17.72
C TRP A 26 26.35 12.97 -17.98
N LEU A 27 25.15 13.27 -17.48
CA LEU A 27 24.02 12.35 -17.55
C LEU A 27 22.90 12.88 -18.44
N ASN A 28 23.20 13.82 -19.34
CA ASN A 28 22.15 14.40 -20.17
C ASN A 28 21.78 13.50 -21.35
N PRO A 29 22.76 12.95 -22.10
CA PRO A 29 22.41 12.09 -23.25
C PRO A 29 21.37 11.01 -22.92
N LEU A 30 21.46 10.44 -21.72
CA LEU A 30 20.49 9.43 -21.33
C LEU A 30 19.08 10.00 -21.36
N PHE A 31 18.92 11.24 -20.88
CA PHE A 31 17.60 11.87 -20.89
C PHE A 31 17.18 12.23 -22.32
N LYS A 32 18.12 12.75 -23.11
CA LYS A 32 17.82 13.04 -24.50
C LYS A 32 17.36 11.80 -25.26
N ILE A 33 17.84 10.64 -24.86
CA ILE A 33 17.47 9.38 -25.51
C ILE A 33 16.11 8.91 -25.00
N GLY A 34 16.02 8.69 -23.68
CA GLY A 34 14.81 8.19 -23.08
C GLY A 34 13.60 9.05 -23.36
N HIS A 35 13.84 10.30 -23.75
CA HIS A 35 12.76 11.22 -24.08
C HIS A 35 11.91 10.76 -25.26
N LYS A 36 12.41 9.83 -26.07
CA LYS A 36 11.73 9.45 -27.30
C LYS A 36 11.66 7.95 -27.59
N ARG A 37 12.41 7.11 -26.89
CA ARG A 37 12.63 5.74 -27.37
C ARG A 37 12.38 4.64 -26.36
N ARG A 38 12.28 4.93 -25.06
CA ARG A 38 12.03 3.92 -24.04
C ARG A 38 13.10 2.83 -24.06
N LEU A 39 14.32 3.26 -23.72
CA LEU A 39 15.45 2.37 -23.54
C LEU A 39 15.04 1.11 -22.78
N GLU A 40 15.45 -0.05 -23.30
CA GLU A 40 15.00 -1.31 -22.71
C GLU A 40 16.01 -1.91 -21.74
N GLU A 41 17.18 -2.35 -22.20
CA GLU A 41 18.16 -2.91 -21.28
C GLU A 41 19.61 -2.59 -21.66
N ASP A 42 19.83 -2.14 -22.89
CA ASP A 42 21.18 -2.01 -23.43
C ASP A 42 21.61 -0.55 -23.54
N ASP A 43 20.94 0.35 -22.84
CA ASP A 43 21.30 1.77 -22.83
C ASP A 43 21.72 2.24 -21.45
N MET A 44 21.96 1.33 -20.51
CA MET A 44 22.44 1.66 -19.18
C MET A 44 23.90 1.23 -19.06
N TYR A 45 24.73 2.10 -18.48
CA TYR A 45 26.16 1.90 -18.49
C TYR A 45 26.59 0.82 -17.52
N SER A 46 27.87 0.45 -17.60
CA SER A 46 28.44 -0.56 -16.74
C SER A 46 28.86 0.07 -15.40
N VAL A 47 29.61 -0.69 -14.61
CA VAL A 47 30.01 -0.28 -13.28
C VAL A 47 31.51 -0.02 -13.26
N LEU A 48 31.96 0.71 -12.24
CA LEU A 48 33.36 1.01 -12.04
C LEU A 48 34.12 -0.28 -11.78
N PRO A 49 35.46 -0.25 -11.78
CA PRO A 49 36.19 -1.47 -11.41
C PRO A 49 36.04 -1.83 -9.95
N GLU A 50 36.03 -0.85 -9.05
CA GLU A 50 35.88 -1.12 -7.62
C GLU A 50 34.42 -1.14 -7.20
N ASP A 51 33.59 -1.84 -7.96
CA ASP A 51 32.23 -2.13 -7.53
C ASP A 51 31.81 -3.55 -7.92
N ARG A 52 32.70 -4.35 -8.49
CA ARG A 52 32.39 -5.74 -8.75
C ARG A 52 32.23 -6.49 -7.43
N SER A 53 31.79 -7.75 -7.53
CA SER A 53 31.63 -8.57 -6.35
C SER A 53 32.95 -9.22 -5.93
N GLN A 54 33.72 -9.71 -6.91
CA GLN A 54 34.97 -10.39 -6.61
C GLN A 54 35.94 -9.47 -5.87
N HIS A 55 35.77 -8.16 -6.02
CA HIS A 55 36.62 -7.20 -5.33
C HIS A 55 36.06 -6.76 -3.99
N LEU A 56 34.74 -6.87 -3.80
CA LEU A 56 34.11 -6.50 -2.55
C LEU A 56 33.87 -7.68 -1.62
N GLY A 57 34.14 -8.90 -2.07
CA GLY A 57 33.89 -10.08 -1.27
C GLY A 57 35.16 -10.68 -0.70
N GLU A 58 36.26 -10.58 -1.43
CA GLU A 58 37.51 -11.20 -0.99
C GLU A 58 38.16 -10.43 0.15
N GLU A 59 38.13 -9.09 0.10
CA GLU A 59 38.78 -8.31 1.14
C GLU A 59 38.07 -8.47 2.49
N LEU A 60 36.74 -8.39 2.49
CA LEU A 60 36.00 -8.57 3.72
C LEU A 60 36.13 -9.99 4.23
N GLN A 61 36.17 -10.98 3.33
CA GLN A 61 36.39 -12.36 3.75
C GLN A 61 37.74 -12.49 4.42
N GLY A 62 38.77 -11.86 3.88
CA GLY A 62 40.08 -11.91 4.50
C GLY A 62 40.09 -11.26 5.88
N PHE A 63 39.46 -10.09 6.00
CA PHE A 63 39.40 -9.41 7.28
C PHE A 63 38.66 -10.27 8.32
N TRP A 64 37.53 -10.85 7.93
CA TRP A 64 36.77 -11.69 8.84
C TRP A 64 37.56 -12.94 9.23
N ASP A 65 38.29 -13.53 8.30
CA ASP A 65 39.09 -14.70 8.63
C ASP A 65 40.20 -14.34 9.61
N LYS A 66 40.87 -13.21 9.39
CA LYS A 66 41.88 -12.77 10.33
C LYS A 66 41.28 -12.52 11.71
N GLU A 67 40.09 -11.91 11.74
CA GLU A 67 39.43 -11.65 13.02
C GLU A 67 39.11 -12.96 13.73
N VAL A 68 38.55 -13.92 13.00
CA VAL A 68 38.21 -15.21 13.61
C VAL A 68 39.46 -15.89 14.15
N LEU A 69 40.54 -15.85 13.39
CA LEU A 69 41.78 -16.47 13.85
C LEU A 69 42.28 -15.80 15.12
N ARG A 70 42.44 -14.47 15.09
CA ARG A 70 42.91 -13.75 16.27
C ARG A 70 42.03 -14.05 17.48
N ALA A 71 40.71 -14.01 17.30
CA ALA A 71 39.81 -14.30 18.39
C ALA A 71 40.05 -15.71 18.93
N GLU A 72 39.80 -16.73 18.09
CA GLU A 72 39.97 -18.11 18.52
C GLU A 72 41.33 -18.35 19.17
N ASN A 73 42.33 -17.53 18.87
CA ASN A 73 43.61 -17.65 19.57
C ASN A 73 43.42 -17.51 21.07
N ASP A 74 42.87 -16.38 21.51
CA ASP A 74 42.58 -16.16 22.92
C ASP A 74 41.12 -16.50 23.21
N ALA A 75 40.85 -16.98 24.42
CA ALA A 75 39.52 -17.50 24.72
C ALA A 75 38.49 -16.38 24.78
N GLN A 76 37.84 -16.12 23.65
CA GLN A 76 36.77 -15.12 23.57
C GLN A 76 35.84 -15.50 22.43
N LYS A 77 34.76 -14.75 22.30
CA LYS A 77 33.80 -14.96 21.23
C LYS A 77 34.09 -14.01 20.07
N PRO A 78 34.13 -14.48 18.83
CA PRO A 78 34.42 -13.58 17.71
C PRO A 78 33.21 -12.75 17.32
N SER A 79 33.48 -11.56 16.80
CA SER A 79 32.45 -10.64 16.34
C SER A 79 32.69 -10.30 14.87
N LEU A 80 31.66 -9.68 14.27
CA LEU A 80 31.71 -9.25 12.89
C LEU A 80 31.63 -7.75 12.74
N THR A 81 31.21 -7.03 13.78
CA THR A 81 31.14 -5.58 13.74
C THR A 81 32.50 -4.93 13.95
N ARG A 82 33.55 -5.73 14.16
CA ARG A 82 34.92 -5.24 14.20
C ARG A 82 35.69 -5.54 12.93
N ALA A 83 35.23 -6.49 12.11
CA ALA A 83 35.85 -6.77 10.82
C ALA A 83 35.28 -5.90 9.71
N ILE A 84 34.17 -5.21 9.95
CA ILE A 84 33.65 -4.22 9.02
C ILE A 84 34.38 -2.91 9.24
N ILE A 85 34.36 -2.41 10.48
CA ILE A 85 34.98 -1.14 10.81
C ILE A 85 36.47 -1.13 10.53
N LYS A 86 37.12 -2.29 10.52
CA LYS A 86 38.54 -2.35 10.19
C LYS A 86 38.80 -2.07 8.72
N CYS A 87 37.77 -2.13 7.87
CA CYS A 87 37.93 -1.93 6.44
C CYS A 87 37.33 -0.62 5.96
N TYR A 88 36.24 -0.16 6.57
CA TYR A 88 35.49 1.00 6.11
C TYR A 88 35.52 2.14 7.13
N TRP A 89 36.69 2.41 7.70
CA TRP A 89 36.82 3.50 8.67
C TRP A 89 37.27 4.80 8.03
N LYS A 90 38.16 4.74 7.04
CA LYS A 90 38.64 5.96 6.39
C LYS A 90 37.52 6.65 5.63
N SER A 91 36.65 5.86 4.98
CA SER A 91 35.53 6.45 4.24
C SER A 91 34.70 7.37 5.14
N TYR A 92 34.16 6.82 6.23
CA TYR A 92 33.33 7.65 7.10
C TYR A 92 34.16 8.71 7.83
N LEU A 93 35.42 8.43 8.13
CA LEU A 93 36.27 9.45 8.72
C LEU A 93 36.34 10.68 7.83
N VAL A 94 36.38 10.46 6.52
CA VAL A 94 36.43 11.59 5.58
C VAL A 94 35.04 12.19 5.39
N LEU A 95 33.99 11.36 5.40
CA LEU A 95 32.65 11.88 5.20
C LEU A 95 32.13 12.68 6.39
N GLY A 96 32.71 12.48 7.58
CA GLY A 96 32.26 13.22 8.74
C GLY A 96 32.65 14.67 8.72
N ILE A 97 33.74 15.01 8.04
CA ILE A 97 34.19 16.40 7.98
C ILE A 97 33.10 17.29 7.39
N PHE A 98 32.44 16.81 6.33
CA PHE A 98 31.43 17.64 5.70
C PHE A 98 30.24 17.85 6.62
N THR A 99 29.64 16.77 7.13
CA THR A 99 28.52 16.91 8.05
C THR A 99 28.90 17.74 9.28
N LEU A 100 30.19 17.83 9.60
CA LEU A 100 30.64 18.77 10.60
C LEU A 100 30.72 20.19 10.06
N ILE A 101 30.85 20.34 8.74
CA ILE A 101 30.90 21.67 8.14
C ILE A 101 29.52 22.20 7.78
N GLU A 102 28.54 21.33 7.55
CA GLU A 102 27.19 21.76 7.19
C GLU A 102 26.29 21.93 8.40
N GLU A 103 26.69 21.42 9.57
CA GLU A 103 25.97 21.70 10.80
C GLU A 103 26.39 23.01 11.44
N SER A 104 27.57 23.52 11.09
CA SER A 104 28.04 24.83 11.55
C SER A 104 27.63 25.94 10.61
N ALA A 105 26.77 25.66 9.62
CA ALA A 105 26.26 26.66 8.72
C ALA A 105 24.79 26.97 8.97
N LYS A 106 24.05 26.05 9.57
CA LYS A 106 22.69 26.31 10.01
C LYS A 106 22.65 27.10 11.31
N VAL A 107 23.79 27.35 11.93
CA VAL A 107 23.90 28.15 13.14
C VAL A 107 24.45 29.54 12.86
N ILE A 108 25.09 29.76 11.72
CA ILE A 108 25.64 31.07 11.39
C ILE A 108 24.64 31.93 10.62
N GLN A 109 23.66 31.33 9.95
CA GLN A 109 22.67 32.14 9.22
C GLN A 109 21.90 33.04 10.16
N PRO A 110 21.32 32.55 11.26
CA PRO A 110 20.57 33.44 12.16
C PRO A 110 21.42 34.48 12.84
N ILE A 111 22.74 34.33 12.85
CA ILE A 111 23.60 35.30 13.50
C ILE A 111 23.94 36.47 12.58
N PHE A 112 23.99 36.22 11.28
CA PHE A 112 24.15 37.29 10.29
C PHE A 112 22.81 37.79 9.77
N LEU A 113 21.71 37.15 10.15
CA LEU A 113 20.39 37.71 9.87
C LEU A 113 20.04 38.80 10.87
N GLY A 114 20.51 38.68 12.10
CA GLY A 114 20.29 39.67 13.13
C GLY A 114 21.17 40.89 13.06
N LYS A 115 22.07 40.94 12.08
CA LYS A 115 22.93 42.09 11.88
C LYS A 115 22.50 42.95 10.69
N ILE A 116 21.74 42.40 9.76
CA ILE A 116 21.13 43.20 8.71
C ILE A 116 19.99 44.04 9.28
N ILE A 117 19.09 43.40 9.99
CA ILE A 117 17.93 44.05 10.60
C ILE A 117 18.43 45.21 11.46
N ASN A 118 19.56 45.00 12.15
CA ASN A 118 20.09 46.03 13.04
C ASN A 118 20.50 47.28 12.29
N TYR A 119 20.67 47.20 10.97
CA TYR A 119 21.01 48.40 10.20
C TYR A 119 19.82 49.33 10.07
N PHE A 120 18.60 48.76 10.07
CA PHE A 120 17.41 49.59 9.89
C PHE A 120 17.04 50.31 11.18
N GLU A 121 17.13 49.62 12.33
CA GLU A 121 16.83 50.27 13.60
C GLU A 121 17.66 51.52 13.80
N ASN A 122 18.91 51.52 13.34
CA ASN A 122 19.81 52.66 13.40
C ASN A 122 20.19 52.99 11.96
N TYR A 123 19.38 53.81 11.30
CA TYR A 123 19.48 54.06 9.87
C TYR A 123 19.55 55.56 9.61
N ASP A 124 20.66 55.99 9.03
CA ASP A 124 20.82 57.35 8.55
C ASP A 124 21.09 57.32 7.05
N PRO A 125 20.27 57.96 6.22
CA PRO A 125 20.46 57.81 4.77
C PRO A 125 21.83 58.29 4.29
N MET A 126 22.39 59.33 4.89
CA MET A 126 23.66 59.88 4.45
C MET A 126 24.80 59.29 5.28
N ASP A 127 25.02 57.99 5.08
CA ASP A 127 26.14 57.29 5.71
C ASP A 127 26.45 56.07 4.85
N SER A 128 27.57 56.12 4.12
CA SER A 128 27.94 55.04 3.22
C SER A 128 28.98 54.10 3.81
N VAL A 129 29.56 54.44 4.96
CA VAL A 129 30.52 53.54 5.59
C VAL A 129 29.83 52.37 6.28
N ALA A 130 28.53 52.47 6.54
CA ALA A 130 27.78 51.43 7.22
C ALA A 130 26.85 50.67 6.29
N LEU A 131 26.81 51.03 5.01
CA LEU A 131 25.96 50.34 4.04
C LEU A 131 26.69 49.23 3.29
N ASN A 132 28.01 49.35 3.09
CA ASN A 132 28.75 48.30 2.43
C ASN A 132 28.97 47.11 3.37
N THR A 133 29.13 47.38 4.66
CA THR A 133 29.24 46.30 5.63
C THR A 133 28.00 45.42 5.60
N ALA A 134 26.83 46.03 5.37
CA ALA A 134 25.60 45.24 5.25
C ALA A 134 25.65 44.35 4.01
N TYR A 135 26.20 44.87 2.91
CA TYR A 135 26.37 44.03 1.73
C TYR A 135 27.30 42.86 2.00
N ALA A 136 28.37 43.09 2.77
CA ALA A 136 29.25 41.99 3.14
C ALA A 136 28.52 40.96 3.99
N TYR A 137 27.73 41.42 4.96
CA TYR A 137 26.95 40.51 5.78
C TYR A 137 26.02 39.67 4.93
N ALA A 138 25.34 40.31 3.98
CA ALA A 138 24.44 39.58 3.09
C ALA A 138 25.18 38.66 2.12
N THR A 139 26.44 38.95 1.81
CA THR A 139 27.23 38.09 0.95
C THR A 139 27.71 36.85 1.69
N VAL A 140 28.06 36.99 2.97
CA VAL A 140 28.38 35.82 3.78
C VAL A 140 27.17 34.91 3.95
N LEU A 141 25.97 35.44 3.76
CA LEU A 141 24.74 34.67 3.90
C LEU A 141 24.35 33.96 2.62
N THR A 142 25.05 34.19 1.51
CA THR A 142 24.78 33.52 0.24
C THR A 142 25.86 32.50 -0.08
N PHE A 143 26.79 32.25 0.83
CA PHE A 143 27.76 31.17 0.70
C PHE A 143 27.40 29.95 1.55
N CYS A 144 26.57 30.13 2.57
CA CYS A 144 26.10 28.98 3.35
C CYS A 144 24.97 28.27 2.62
N THR A 145 24.10 29.03 1.95
CA THR A 145 23.01 28.42 1.20
C THR A 145 23.55 27.54 0.08
N LEU A 146 24.59 27.99 -0.61
CA LEU A 146 25.17 27.20 -1.69
C LEU A 146 25.73 25.88 -1.15
N ILE A 147 26.43 25.94 -0.04
CA ILE A 147 26.96 24.73 0.60
C ILE A 147 25.80 23.79 0.91
N LEU A 148 24.77 24.32 1.59
CA LEU A 148 23.67 23.47 2.05
C LEU A 148 22.90 22.85 0.88
N ALA A 149 22.81 23.58 -0.24
CA ALA A 149 21.87 23.23 -1.29
C ALA A 149 22.51 22.54 -2.49
N ILE A 150 23.79 22.75 -2.76
CA ILE A 150 24.44 22.27 -3.97
C ILE A 150 25.49 21.22 -3.68
N LEU A 151 26.35 21.46 -2.69
CA LEU A 151 27.41 20.53 -2.35
C LEU A 151 26.93 19.39 -1.47
N HIS A 152 25.64 19.32 -1.17
CA HIS A 152 25.10 18.25 -0.34
C HIS A 152 24.73 17.02 -1.15
N HIS A 153 24.40 17.20 -2.43
CA HIS A 153 23.88 16.12 -3.26
C HIS A 153 24.97 15.22 -3.82
N LEU A 154 26.23 15.56 -3.65
CA LEU A 154 27.33 14.66 -3.95
C LEU A 154 27.74 13.83 -2.73
N TYR A 155 27.82 14.49 -1.58
CA TYR A 155 28.03 13.78 -0.32
C TYR A 155 26.91 12.77 -0.08
N PHE A 156 25.68 13.13 -0.42
CA PHE A 156 24.56 12.20 -0.25
C PHE A 156 24.73 10.99 -1.15
N TYR A 157 25.10 11.19 -2.41
CA TYR A 157 25.32 10.07 -3.30
C TYR A 157 26.42 9.16 -2.79
N HIS A 158 27.49 9.74 -2.24
CA HIS A 158 28.59 8.92 -1.77
C HIS A 158 28.20 8.13 -0.52
N VAL A 159 27.50 8.76 0.42
CA VAL A 159 27.07 8.05 1.62
C VAL A 159 26.01 7.01 1.28
N GLN A 160 25.29 7.18 0.17
CA GLN A 160 24.38 6.14 -0.29
C GLN A 160 25.11 4.99 -0.95
N CYS A 161 26.19 5.28 -1.68
CA CYS A 161 26.98 4.24 -2.31
C CYS A 161 27.81 3.46 -1.31
N ALA A 162 28.09 4.04 -0.13
CA ALA A 162 28.85 3.34 0.90
C ALA A 162 28.07 2.23 1.57
N GLY A 163 26.81 2.00 1.19
CA GLY A 163 26.02 0.94 1.78
C GLY A 163 25.81 -0.23 0.84
N MET A 164 25.67 0.07 -0.46
CA MET A 164 25.53 -0.99 -1.45
C MET A 164 26.77 -1.87 -1.49
N ARG A 165 27.95 -1.30 -1.24
CA ARG A 165 29.16 -2.11 -1.17
C ARG A 165 29.05 -3.16 -0.09
N LEU A 166 28.63 -2.77 1.11
CA LEU A 166 28.46 -3.72 2.20
C LEU A 166 27.40 -4.74 1.86
N ARG A 167 26.27 -4.30 1.31
CA ARG A 167 25.19 -5.20 0.95
C ARG A 167 25.58 -6.20 -0.13
N VAL A 168 26.51 -5.85 -1.01
CA VAL A 168 26.96 -6.75 -2.07
C VAL A 168 28.04 -7.67 -1.53
N ALA A 169 28.80 -7.18 -0.55
CA ALA A 169 29.86 -8.00 0.02
C ALA A 169 29.30 -9.10 0.91
N MET A 170 28.25 -8.80 1.67
CA MET A 170 27.66 -9.82 2.55
C MET A 170 27.14 -10.99 1.73
N CYS A 171 26.24 -10.72 0.78
CA CYS A 171 25.61 -11.78 -0.01
C CYS A 171 26.63 -12.70 -0.64
N HIS A 172 27.75 -12.15 -1.10
CA HIS A 172 28.76 -12.96 -1.77
C HIS A 172 29.30 -14.05 -0.84
N MET A 173 29.74 -13.65 0.36
CA MET A 173 30.25 -14.62 1.31
C MET A 173 29.14 -15.55 1.81
N ILE A 174 27.92 -15.03 1.96
CA ILE A 174 26.80 -15.88 2.34
C ILE A 174 26.66 -17.04 1.36
N TYR A 175 26.56 -16.72 0.07
CA TYR A 175 26.45 -17.75 -0.94
C TYR A 175 27.66 -18.67 -0.91
N ARG A 176 28.86 -18.09 -0.88
CA ARG A 176 30.07 -18.90 -0.80
C ARG A 176 30.03 -19.88 0.37
N LYS A 177 29.30 -19.56 1.43
CA LYS A 177 29.19 -20.46 2.56
C LYS A 177 28.17 -21.57 2.30
N ALA A 178 27.15 -21.27 1.51
CA ALA A 178 26.09 -22.23 1.21
C ALA A 178 26.55 -23.39 0.36
N LEU A 179 27.82 -23.47 -0.04
CA LEU A 179 28.33 -24.58 -0.81
C LEU A 179 29.33 -25.42 -0.03
N ARG A 180 29.56 -25.10 1.24
CA ARG A 180 30.38 -25.90 2.12
C ARG A 180 29.59 -26.57 3.22
N LEU A 181 28.27 -26.36 3.27
CA LEU A 181 27.46 -26.95 4.32
C LEU A 181 27.54 -28.47 4.28
N SER A 182 27.52 -29.08 5.46
CA SER A 182 27.47 -30.52 5.58
C SER A 182 26.02 -31.00 5.65
N ASN A 183 25.85 -32.33 5.57
CA ASN A 183 24.51 -32.90 5.56
C ASN A 183 23.80 -32.64 6.89
N MET A 184 24.52 -32.75 8.00
CA MET A 184 23.90 -32.58 9.30
C MET A 184 23.32 -31.17 9.46
N ALA A 185 24.11 -30.16 9.13
CA ALA A 185 23.66 -28.78 9.34
C ALA A 185 22.69 -28.33 8.26
N MET A 186 22.65 -29.03 7.12
CA MET A 186 21.77 -28.61 6.03
C MET A 186 20.34 -29.07 6.24
N GLY A 187 20.16 -30.28 6.76
CA GLY A 187 18.82 -30.84 6.93
C GLY A 187 17.99 -30.15 8.00
N LYS A 188 18.59 -29.26 8.79
CA LYS A 188 17.86 -28.58 9.86
C LYS A 188 17.28 -27.25 9.39
N THR A 189 18.12 -26.37 8.85
CA THR A 189 17.66 -25.08 8.38
C THR A 189 17.00 -25.20 7.02
N THR A 190 15.91 -24.47 6.82
CA THR A 190 15.18 -24.51 5.57
C THR A 190 15.70 -23.42 4.62
N THR A 191 15.59 -23.70 3.32
CA THR A 191 16.05 -22.75 2.32
C THR A 191 15.26 -21.45 2.38
N GLY A 192 14.02 -21.52 2.88
CA GLY A 192 13.24 -20.29 3.00
C GLY A 192 13.92 -19.26 3.88
N GLN A 193 14.50 -19.70 5.00
CA GLN A 193 15.21 -18.77 5.87
C GLN A 193 16.52 -18.30 5.24
N ILE A 194 17.20 -19.16 4.50
CA ILE A 194 18.44 -18.76 3.85
C ILE A 194 18.17 -17.71 2.78
N VAL A 195 17.00 -17.77 2.14
CA VAL A 195 16.64 -16.75 1.16
C VAL A 195 16.09 -15.50 1.85
N ASN A 196 15.43 -15.65 3.00
CA ASN A 196 14.99 -14.49 3.76
C ASN A 196 16.19 -13.66 4.22
N LEU A 197 17.25 -14.34 4.64
CA LEU A 197 18.48 -13.64 5.02
C LEU A 197 18.90 -12.65 3.93
N LEU A 198 18.83 -13.09 2.68
CA LEU A 198 19.30 -12.27 1.56
C LEU A 198 18.24 -11.30 1.06
N SER A 199 16.95 -11.58 1.30
CA SER A 199 15.88 -10.77 0.74
C SER A 199 15.30 -9.75 1.71
N ASN A 200 15.60 -9.85 3.01
CA ASN A 200 14.96 -8.97 3.98
C ASN A 200 15.96 -8.30 4.92
N ASP A 201 17.11 -8.94 5.14
CA ASP A 201 18.08 -8.42 6.12
C ASP A 201 19.09 -7.48 5.46
N VAL A 202 19.83 -7.98 4.48
CA VAL A 202 20.84 -7.17 3.82
C VAL A 202 20.26 -5.88 3.24
N ASN A 203 18.96 -5.87 2.94
CA ASN A 203 18.32 -4.70 2.39
C ASN A 203 18.14 -3.58 3.41
N LYS A 204 18.63 -3.76 4.63
CA LYS A 204 18.57 -2.74 5.67
C LYS A 204 19.87 -1.96 5.80
N PHE A 205 20.91 -2.35 5.07
CA PHE A 205 22.19 -1.66 5.10
C PHE A 205 22.23 -0.44 4.19
N ASP A 206 21.18 -0.19 3.42
CA ASP A 206 21.14 0.96 2.54
C ASP A 206 20.63 2.22 3.23
N GLN A 207 19.95 2.08 4.37
CA GLN A 207 19.42 3.22 5.11
C GLN A 207 20.18 3.52 6.39
N VAL A 208 21.00 2.58 6.87
CA VAL A 208 21.71 2.80 8.13
C VAL A 208 22.71 3.94 7.99
N THR A 209 23.63 3.83 7.03
CA THR A 209 24.69 4.83 6.91
C THR A 209 24.13 6.24 6.71
N VAL A 210 22.89 6.36 6.26
CA VAL A 210 22.28 7.68 6.10
C VAL A 210 21.91 8.26 7.46
N PHE A 211 21.36 7.45 8.35
CA PHE A 211 20.92 7.89 9.67
C PHE A 211 21.93 7.59 10.76
N LEU A 212 23.22 7.62 10.44
CA LEU A 212 24.26 7.29 11.41
C LEU A 212 24.92 8.52 12.02
N HIS A 213 24.78 9.69 11.40
CA HIS A 213 25.40 10.91 11.88
C HIS A 213 24.46 11.75 12.73
N PHE A 214 23.18 11.38 12.82
CA PHE A 214 22.23 12.07 13.69
C PHE A 214 22.34 11.63 15.13
N LEU A 215 23.34 10.81 15.47
CA LEU A 215 23.56 10.37 16.84
C LEU A 215 24.56 11.22 17.59
N TRP A 216 25.53 11.81 16.88
CA TRP A 216 26.51 12.69 17.49
C TRP A 216 26.36 14.14 17.05
N ALA A 217 25.52 14.42 16.06
CA ALA A 217 25.25 15.79 15.61
C ALA A 217 23.88 16.29 16.04
N GLY A 218 23.15 15.50 16.82
CA GLY A 218 21.89 15.92 17.38
C GLY A 218 22.05 16.54 18.74
N PRO A 219 22.73 15.84 19.65
CA PRO A 219 23.04 16.39 20.97
C PRO A 219 24.04 17.54 20.98
N LEU A 220 24.70 17.81 19.84
CA LEU A 220 25.60 18.96 19.75
C LEU A 220 24.89 20.22 19.26
N GLN A 221 23.93 20.07 18.35
CA GLN A 221 23.21 21.24 17.84
C GLN A 221 22.36 21.87 18.94
N ALA A 222 21.70 21.05 19.75
CA ALA A 222 20.83 21.57 20.79
C ALA A 222 21.61 22.43 21.79
N ILE A 223 22.81 21.98 22.17
CA ILE A 223 23.60 22.72 23.15
C ILE A 223 24.01 24.07 22.58
N ALA A 224 24.52 24.08 21.35
CA ALA A 224 24.90 25.34 20.73
C ALA A 224 23.72 26.28 20.62
N VAL A 225 22.55 25.77 20.25
CA VAL A 225 21.39 26.63 20.07
C VAL A 225 20.92 27.20 21.40
N THR A 226 20.84 26.36 22.43
CA THR A 226 20.39 26.83 23.74
C THR A 226 21.45 27.66 24.46
N ALA A 227 22.69 27.67 23.97
CA ALA A 227 23.70 28.59 24.47
C ALA A 227 23.71 29.90 23.71
N LEU A 228 23.32 29.89 22.43
CA LEU A 228 23.19 31.13 21.69
C LEU A 228 21.94 31.90 22.12
N LEU A 229 20.85 31.18 22.41
CA LEU A 229 19.62 31.84 22.82
C LEU A 229 19.81 32.59 24.13
N TRP A 230 20.64 32.07 25.03
CA TRP A 230 20.81 32.70 26.34
C TRP A 230 21.40 34.10 26.22
N MET A 231 22.13 34.38 25.15
CA MET A 231 22.77 35.67 24.99
C MET A 231 21.84 36.74 24.44
N GLU A 232 20.69 36.36 23.90
CA GLU A 232 19.75 37.29 23.30
C GLU A 232 18.61 37.66 24.25
N ILE A 233 17.90 36.66 24.75
CA ILE A 233 16.71 36.87 25.55
C ILE A 233 16.94 36.51 27.02
N GLY A 234 17.65 35.41 27.28
CA GLY A 234 17.99 35.05 28.65
C GLY A 234 17.37 33.76 29.13
N ILE A 235 17.11 33.70 30.44
CA ILE A 235 16.58 32.49 31.07
C ILE A 235 15.29 32.05 30.39
N SER A 236 14.54 32.98 29.82
CA SER A 236 13.25 32.69 29.22
C SER A 236 13.35 31.66 28.11
N CYS A 237 14.57 31.32 27.69
CA CYS A 237 14.74 30.28 26.68
C CYS A 237 14.33 28.91 27.19
N LEU A 238 14.51 28.64 28.48
CA LEU A 238 14.18 27.32 29.01
C LEU A 238 12.70 27.01 28.81
N ALA A 239 11.84 28.03 28.93
CA ALA A 239 10.40 27.83 28.79
C ALA A 239 10.02 27.43 27.38
N GLY A 240 10.99 27.43 26.46
CA GLY A 240 10.74 26.99 25.10
C GLY A 240 11.37 25.66 24.80
N MET A 241 12.23 25.18 25.68
CA MET A 241 12.85 23.87 25.55
C MET A 241 12.15 22.81 26.38
N ALA A 242 11.20 23.20 27.24
CA ALA A 242 10.42 22.22 27.99
C ALA A 242 9.21 21.76 27.21
N VAL A 243 8.72 22.57 26.26
CA VAL A 243 7.59 22.21 25.42
C VAL A 243 8.10 21.47 24.19
N LEU A 244 9.40 21.15 24.18
CA LEU A 244 10.02 20.47 23.06
C LEU A 244 10.58 19.10 23.41
N ILE A 245 10.67 18.78 24.71
CA ILE A 245 11.11 17.45 25.15
C ILE A 245 9.93 16.57 25.56
N ILE A 246 8.74 17.16 25.73
CA ILE A 246 7.58 16.40 26.14
C ILE A 246 6.94 15.64 24.97
N LEU A 247 7.14 16.12 23.74
CA LEU A 247 6.51 15.50 22.59
C LEU A 247 6.93 14.04 22.43
N LEU A 248 8.21 13.73 22.71
CA LEU A 248 8.66 12.35 22.57
C LEU A 248 7.92 11.41 23.49
N PRO A 249 7.85 11.67 24.80
CA PRO A 249 6.98 10.83 25.66
C PRO A 249 5.53 10.83 25.22
N LEU A 250 4.96 11.98 24.90
CA LEU A 250 3.54 12.05 24.60
C LEU A 250 3.19 11.51 23.22
N GLN A 251 4.18 11.10 22.44
CA GLN A 251 3.91 10.45 21.15
C GLN A 251 4.29 8.98 21.11
N SER A 252 5.37 8.57 21.80
CA SER A 252 5.74 7.16 21.77
C SER A 252 4.64 6.29 22.38
N CYS A 253 4.14 6.69 23.54
CA CYS A 253 3.08 5.92 24.20
C CYS A 253 1.82 5.87 23.33
N PHE A 254 1.45 7.00 22.73
CA PHE A 254 0.28 7.01 21.87
C PHE A 254 0.46 6.11 20.65
N GLY A 255 1.68 6.02 20.12
CA GLY A 255 1.91 5.12 19.00
C GLY A 255 1.81 3.66 19.39
N LYS A 256 2.42 3.30 20.52
CA LYS A 256 2.31 1.92 20.99
C LYS A 256 0.89 1.57 21.41
N LEU A 257 0.06 2.56 21.72
CA LEU A 257 -1.37 2.33 21.86
C LEU A 257 -2.03 2.13 20.51
N PHE A 258 -1.67 2.98 19.54
CA PHE A 258 -2.23 2.91 18.20
C PHE A 258 -2.07 1.53 17.57
N SER A 259 -0.93 0.88 17.83
CA SER A 259 -0.66 -0.39 17.17
C SER A 259 -1.76 -1.43 17.43
N SER A 260 -2.40 -1.39 18.60
CA SER A 260 -3.39 -2.40 18.95
C SER A 260 -4.61 -2.31 18.02
N LEU A 261 -5.05 -1.09 17.70
CA LEU A 261 -6.15 -0.92 16.77
C LEU A 261 -5.84 -1.60 15.44
N ARG A 262 -4.63 -1.41 14.94
CA ARG A 262 -4.24 -2.05 13.68
C ARG A 262 -4.28 -3.56 13.80
N SER A 263 -3.75 -4.10 14.91
CA SER A 263 -3.76 -5.55 15.10
C SER A 263 -5.19 -6.09 15.02
N LYS A 264 -6.10 -5.51 15.79
CA LYS A 264 -7.47 -6.03 15.81
C LYS A 264 -8.18 -5.78 14.50
N THR A 265 -7.86 -4.69 13.80
CA THR A 265 -8.45 -4.48 12.48
C THR A 265 -8.03 -5.59 11.53
N ALA A 266 -6.75 -6.00 11.58
CA ALA A 266 -6.30 -7.07 10.70
C ALA A 266 -6.98 -8.39 11.05
N THR A 267 -7.09 -8.70 12.35
CA THR A 267 -7.72 -9.96 12.72
C THR A 267 -9.22 -9.94 12.40
N PHE A 268 -9.80 -8.74 12.29
CA PHE A 268 -11.18 -8.63 11.81
C PHE A 268 -11.25 -8.91 10.31
N THR A 269 -10.38 -8.27 9.54
CA THR A 269 -10.53 -8.27 8.09
C THR A 269 -10.08 -9.57 7.44
N ASP A 270 -9.24 -10.36 8.10
CA ASP A 270 -8.81 -11.63 7.50
C ASP A 270 -10.00 -12.52 7.16
N ALA A 271 -11.00 -12.56 8.04
CA ALA A 271 -12.15 -13.44 7.81
C ALA A 271 -12.92 -13.03 6.57
N ARG A 272 -12.99 -11.73 6.29
CA ARG A 272 -13.71 -11.28 5.10
C ARG A 272 -13.04 -11.82 3.84
N ILE A 273 -11.71 -11.75 3.78
CA ILE A 273 -11.00 -12.25 2.61
C ILE A 273 -11.17 -13.76 2.50
N ARG A 274 -11.12 -14.46 3.63
CA ARG A 274 -11.31 -15.91 3.59
C ARG A 274 -12.69 -16.26 3.02
N THR A 275 -13.72 -15.57 3.50
CA THR A 275 -15.08 -15.85 3.03
C THR A 275 -15.24 -15.48 1.56
N MET A 276 -14.59 -14.40 1.12
CA MET A 276 -14.67 -14.03 -0.28
C MET A 276 -13.99 -15.08 -1.16
N ASN A 277 -12.86 -15.61 -0.69
CA ASN A 277 -12.20 -16.70 -1.41
C ASN A 277 -13.12 -17.92 -1.50
N GLU A 278 -13.82 -18.22 -0.41
CA GLU A 278 -14.72 -19.37 -0.42
C GLU A 278 -15.92 -19.13 -1.33
N VAL A 279 -16.34 -17.87 -1.48
CA VAL A 279 -17.51 -17.56 -2.30
C VAL A 279 -17.16 -17.60 -3.78
N ILE A 280 -16.09 -16.89 -4.18
CA ILE A 280 -15.75 -16.82 -5.60
C ILE A 280 -15.56 -18.20 -6.21
N THR A 281 -15.16 -19.17 -5.41
CA THR A 281 -15.05 -20.56 -5.85
C THR A 281 -16.29 -21.31 -5.38
N GLY A 282 -16.97 -21.96 -6.32
CA GLY A 282 -18.24 -22.60 -6.01
C GLY A 282 -19.44 -21.74 -6.27
N ILE A 283 -19.30 -20.67 -7.07
CA ILE A 283 -20.42 -19.79 -7.35
C ILE A 283 -21.47 -20.50 -8.19
N ARG A 284 -21.05 -21.45 -9.04
CA ARG A 284 -22.00 -22.20 -9.84
C ARG A 284 -22.96 -23.02 -8.98
N ILE A 285 -22.59 -23.30 -7.73
CA ILE A 285 -23.47 -24.03 -6.82
C ILE A 285 -24.41 -23.09 -6.10
N ILE A 286 -23.91 -21.92 -5.68
CA ILE A 286 -24.76 -20.96 -4.98
C ILE A 286 -25.81 -20.39 -5.91
N LYS A 287 -25.36 -19.90 -7.08
CA LYS A 287 -26.28 -19.35 -8.07
C LYS A 287 -27.32 -20.37 -8.52
N MET A 288 -27.10 -21.66 -8.26
CA MET A 288 -28.06 -22.70 -8.59
C MET A 288 -28.91 -23.12 -7.40
N TYR A 289 -28.43 -22.91 -6.18
CA TYR A 289 -29.20 -23.19 -4.98
C TYR A 289 -29.94 -21.96 -4.45
N ALA A 290 -29.67 -20.78 -4.99
CA ALA A 290 -30.31 -19.55 -4.55
C ALA A 290 -29.96 -19.20 -3.11
N TRP A 291 -28.67 -19.04 -2.84
CA TRP A 291 -28.14 -18.77 -1.49
C TRP A 291 -27.22 -17.56 -1.53
N GLU A 292 -27.68 -16.47 -2.14
CA GLU A 292 -26.84 -15.29 -2.32
C GLU A 292 -26.93 -14.29 -1.18
N LYS A 293 -27.92 -14.42 -0.28
CA LYS A 293 -28.15 -13.39 0.71
C LYS A 293 -27.35 -13.61 1.99
N SER A 294 -27.21 -14.87 2.41
CA SER A 294 -26.51 -15.16 3.66
C SER A 294 -25.09 -14.60 3.63
N PHE A 295 -24.38 -14.84 2.51
CA PHE A 295 -23.04 -14.31 2.37
C PHE A 295 -23.04 -12.78 2.37
N SER A 296 -24.04 -12.17 1.73
CA SER A 296 -24.16 -10.72 1.76
C SER A 296 -24.20 -10.21 3.19
N ASN A 297 -25.05 -10.83 4.02
CA ASN A 297 -25.20 -10.37 5.40
C ASN A 297 -23.92 -10.57 6.21
N LEU A 298 -23.35 -11.77 6.14
CA LEU A 298 -22.17 -12.07 6.94
C LEU A 298 -20.90 -11.47 6.36
N ILE A 299 -20.99 -10.77 5.24
CA ILE A 299 -19.92 -9.90 4.76
C ILE A 299 -20.14 -8.47 5.21
N THR A 300 -21.39 -7.99 5.12
CA THR A 300 -21.70 -6.65 5.57
C THR A 300 -21.35 -6.46 7.05
N ASN A 301 -21.61 -7.47 7.86
CA ASN A 301 -21.29 -7.36 9.29
C ASN A 301 -19.80 -7.12 9.50
N LEU A 302 -18.96 -7.93 8.86
CA LEU A 302 -17.52 -7.80 9.03
C LEU A 302 -17.02 -6.47 8.49
N ARG A 303 -17.57 -6.01 7.36
CA ARG A 303 -17.14 -4.72 6.82
C ARG A 303 -17.51 -3.59 7.77
N LYS A 304 -18.71 -3.65 8.35
CA LYS A 304 -19.13 -2.65 9.32
C LYS A 304 -18.15 -2.58 10.49
N LYS A 305 -17.83 -3.75 11.06
CA LYS A 305 -16.88 -3.77 12.17
C LYS A 305 -15.52 -3.21 11.77
N GLU A 306 -15.05 -3.58 10.58
CA GLU A 306 -13.74 -3.09 10.13
C GLU A 306 -13.73 -1.58 10.01
N ILE A 307 -14.80 -1.00 9.47
CA ILE A 307 -14.86 0.46 9.36
C ILE A 307 -14.89 1.10 10.74
N SER A 308 -15.69 0.54 11.66
CA SER A 308 -15.77 1.09 13.00
C SER A 308 -14.42 1.07 13.70
N LYS A 309 -13.58 0.09 13.39
CA LYS A 309 -12.25 0.05 13.97
C LYS A 309 -11.22 0.88 13.22
N ILE A 310 -11.47 1.19 11.95
CA ILE A 310 -10.52 2.01 11.18
C ILE A 310 -10.71 3.49 11.50
N LEU A 311 -11.93 3.91 11.81
CA LEU A 311 -12.18 5.33 12.05
C LEU A 311 -11.29 5.88 13.16
N ARG A 312 -11.07 5.10 14.22
CA ARG A 312 -10.32 5.59 15.37
C ARG A 312 -8.84 5.76 15.01
N SER A 313 -8.26 4.77 14.33
CA SER A 313 -6.90 4.92 13.81
C SER A 313 -6.77 6.17 12.95
N SER A 314 -7.75 6.41 12.08
CA SER A 314 -7.69 7.59 11.23
C SER A 314 -7.70 8.86 12.06
N CYS A 315 -8.55 8.93 13.08
CA CYS A 315 -8.59 10.10 13.95
C CYS A 315 -7.25 10.31 14.66
N LEU A 316 -6.65 9.22 15.13
CA LEU A 316 -5.34 9.32 15.77
C LEU A 316 -4.31 9.95 14.83
N ARG A 317 -4.21 9.41 13.62
CA ARG A 317 -3.23 9.95 12.67
C ARG A 317 -3.52 11.41 12.35
N GLY A 318 -4.80 11.77 12.23
CA GLY A 318 -5.14 13.15 11.95
C GLY A 318 -4.71 14.09 13.05
N MET A 319 -4.93 13.68 14.31
CA MET A 319 -4.48 14.50 15.42
C MET A 319 -2.96 14.60 15.48
N ASN A 320 -2.26 13.53 15.11
CA ASN A 320 -0.80 13.60 15.08
C ASN A 320 -0.33 14.60 14.04
N LEU A 321 -0.91 14.56 12.84
CA LEU A 321 -0.54 15.53 11.82
C LEU A 321 -0.85 16.95 12.27
N ALA A 322 -2.00 17.17 12.87
CA ALA A 322 -2.35 18.51 13.35
C ALA A 322 -1.44 18.98 14.47
N SER A 323 -0.92 18.07 15.29
CA SER A 323 0.05 18.43 16.31
C SER A 323 1.42 18.74 15.72
N PHE A 324 1.81 18.07 14.64
CA PHE A 324 3.05 18.42 13.96
C PHE A 324 2.92 19.74 13.21
N PHE A 325 1.70 20.11 12.83
CA PHE A 325 1.50 21.34 12.06
C PHE A 325 1.75 22.58 12.92
N SER A 326 1.25 22.58 14.15
CA SER A 326 1.19 23.78 14.98
C SER A 326 1.89 23.55 16.33
N ALA A 327 3.09 23.01 16.29
CA ALA A 327 3.92 22.93 17.49
C ALA A 327 4.89 24.09 17.60
N SER A 328 5.19 24.76 16.49
CA SER A 328 6.09 25.91 16.48
C SER A 328 5.43 27.19 16.97
N LYS A 329 4.13 27.15 17.29
CA LYS A 329 3.43 28.31 17.80
C LYS A 329 3.21 28.26 19.30
N ILE A 330 3.35 27.08 19.92
CA ILE A 330 3.19 26.96 21.36
C ILE A 330 4.48 27.29 22.09
N ILE A 331 5.61 27.26 21.40
CA ILE A 331 6.89 27.54 22.03
C ILE A 331 7.12 29.04 22.10
N VAL A 332 6.95 29.72 20.95
CA VAL A 332 7.20 31.15 20.85
C VAL A 332 6.27 31.92 21.77
N PHE A 333 4.98 31.56 21.78
CA PHE A 333 4.03 32.24 22.64
C PHE A 333 4.50 32.24 24.09
N VAL A 334 4.85 31.06 24.61
CA VAL A 334 5.23 30.95 26.01
C VAL A 334 6.52 31.73 26.28
N THR A 335 7.56 31.49 25.47
CA THR A 335 8.83 32.14 25.75
C THR A 335 8.69 33.65 25.72
N PHE A 336 7.90 34.19 24.80
CA PHE A 336 7.84 35.64 24.67
C PHE A 336 6.88 36.27 25.66
N THR A 337 5.78 35.60 26.02
CA THR A 337 4.97 36.14 27.11
C THR A 337 5.76 36.16 28.42
N THR A 338 6.62 35.16 28.63
CA THR A 338 7.48 35.19 29.81
C THR A 338 8.49 36.32 29.74
N TYR A 339 9.19 36.43 28.59
CA TYR A 339 10.18 37.49 28.41
C TYR A 339 9.56 38.87 28.59
N VAL A 340 8.26 38.99 28.31
CA VAL A 340 7.59 40.28 28.43
C VAL A 340 7.09 40.52 29.84
N LEU A 341 6.62 39.48 30.53
CA LEU A 341 6.11 39.64 31.88
C LEU A 341 7.24 39.82 32.90
N LEU A 342 8.43 39.32 32.60
CA LEU A 342 9.53 39.50 33.54
C LEU A 342 9.88 40.96 33.72
N GLY A 343 9.74 41.78 32.69
CA GLY A 343 9.98 43.21 32.80
C GLY A 343 10.70 43.83 31.63
N SER A 344 11.05 43.01 30.63
CA SER A 344 11.83 43.48 29.50
C SER A 344 10.93 44.06 28.40
N VAL A 345 11.57 44.67 27.41
CA VAL A 345 10.88 45.24 26.26
C VAL A 345 11.16 44.34 25.06
N ILE A 346 10.46 44.57 23.96
CA ILE A 346 10.52 43.70 22.78
C ILE A 346 11.10 44.48 21.61
N THR A 347 11.96 43.83 20.83
CA THR A 347 12.51 44.38 19.61
C THR A 347 12.39 43.35 18.50
N ALA A 348 12.83 43.71 17.30
CA ALA A 348 12.66 42.88 16.12
C ALA A 348 13.93 42.14 15.70
N SER A 349 15.04 42.35 16.41
CA SER A 349 16.27 41.66 16.10
C SER A 349 16.44 40.35 16.86
N ARG A 350 15.72 40.17 17.97
CA ARG A 350 15.79 38.93 18.72
C ARG A 350 14.71 37.94 18.30
N VAL A 351 13.53 38.46 17.98
CA VAL A 351 12.35 37.62 17.78
C VAL A 351 12.61 36.59 16.68
N PHE A 352 13.01 37.06 15.50
CA PHE A 352 13.12 36.18 14.35
C PHE A 352 14.37 35.32 14.39
N VAL A 353 15.44 35.79 15.04
CA VAL A 353 16.58 34.91 15.33
C VAL A 353 16.12 33.71 16.15
N ALA A 354 15.40 33.97 17.24
CA ALA A 354 14.91 32.89 18.08
C ALA A 354 13.97 31.98 17.30
N VAL A 355 13.09 32.56 16.50
CA VAL A 355 12.19 31.78 15.66
C VAL A 355 12.98 30.80 14.80
N THR A 356 13.99 31.32 14.09
CA THR A 356 14.75 30.48 13.18
C THR A 356 15.49 29.38 13.93
N LEU A 357 16.05 29.70 15.10
CA LEU A 357 16.78 28.69 15.86
C LEU A 357 15.84 27.58 16.34
N TYR A 358 14.66 27.95 16.84
CA TYR A 358 13.69 26.95 17.26
C TYR A 358 13.31 26.06 16.08
N GLY A 359 13.06 26.67 14.92
CA GLY A 359 12.70 25.89 13.75
C GLY A 359 13.80 24.96 13.30
N ALA A 360 15.05 25.35 13.50
CA ALA A 360 16.16 24.50 13.12
C ALA A 360 16.32 23.33 14.09
N VAL A 361 16.05 23.55 15.38
CA VAL A 361 16.23 22.49 16.37
C VAL A 361 15.09 21.48 16.29
N ARG A 362 13.87 21.94 16.59
CA ARG A 362 12.76 21.01 16.84
C ARG A 362 12.65 19.97 15.73
N LEU A 363 12.76 20.41 14.47
CA LEU A 363 12.59 19.50 13.36
C LEU A 363 13.59 18.36 13.43
N THR A 364 14.89 18.69 13.39
CA THR A 364 15.91 17.66 13.36
C THR A 364 15.77 16.76 14.58
N VAL A 365 15.67 17.34 15.77
CA VAL A 365 15.63 16.48 16.96
C VAL A 365 14.45 15.53 16.83
N THR A 366 13.23 16.06 16.82
CA THR A 366 12.03 15.26 16.97
C THR A 366 11.69 14.42 15.76
N LEU A 367 12.41 14.55 14.65
CA LEU A 367 12.08 13.71 13.50
C LEU A 367 13.22 12.78 13.11
N PHE A 368 14.47 13.14 13.45
CA PHE A 368 15.60 12.33 13.05
C PHE A 368 16.23 11.55 14.19
N PHE A 369 16.22 12.06 15.42
CA PHE A 369 16.90 11.32 16.48
C PHE A 369 16.21 10.00 16.77
N PRO A 370 14.87 9.95 16.76
CA PRO A 370 14.20 8.68 17.08
C PRO A 370 14.41 7.59 16.04
N SER A 371 14.34 7.92 14.74
CA SER A 371 14.40 6.90 13.71
C SER A 371 15.76 6.24 13.63
N ALA A 372 16.84 6.99 13.88
CA ALA A 372 18.18 6.43 13.80
C ALA A 372 18.35 5.26 14.75
N ILE A 373 17.73 5.32 15.93
CA ILE A 373 17.90 4.27 16.92
C ILE A 373 17.25 2.99 16.43
N GLU A 374 16.02 3.10 15.92
CA GLU A 374 15.35 1.93 15.35
C GLU A 374 16.16 1.34 14.21
N ARG A 375 16.68 2.20 13.32
CA ARG A 375 17.48 1.71 12.20
C ARG A 375 18.69 0.92 12.69
N VAL A 376 19.43 1.49 13.63
CA VAL A 376 20.64 0.83 14.12
C VAL A 376 20.30 -0.47 14.83
N SER A 377 19.20 -0.50 15.57
CA SER A 377 18.80 -1.73 16.25
C SER A 377 18.49 -2.83 15.25
N GLU A 378 17.70 -2.52 14.23
CA GLU A 378 17.40 -3.51 13.20
C GLU A 378 18.67 -3.98 12.52
N ALA A 379 19.60 -3.06 12.23
CA ALA A 379 20.84 -3.44 11.57
C ALA A 379 21.64 -4.41 12.43
N ILE A 380 21.75 -4.13 13.73
CA ILE A 380 22.52 -4.99 14.61
C ILE A 380 21.86 -6.36 14.72
N VAL A 381 20.53 -6.40 14.73
CA VAL A 381 19.81 -7.68 14.76
C VAL A 381 20.15 -8.50 13.54
N SER A 382 20.06 -7.88 12.35
CA SER A 382 20.39 -8.59 11.12
C SER A 382 21.84 -9.07 11.14
N ILE A 383 22.75 -8.25 11.64
CA ILE A 383 24.16 -8.63 11.69
C ILE A 383 24.34 -9.84 12.59
N ARG A 384 23.62 -9.86 13.72
CA ARG A 384 23.73 -11.00 14.63
C ARG A 384 23.20 -12.28 13.97
N ARG A 385 22.10 -12.17 13.24
CA ARG A 385 21.59 -13.34 12.52
C ARG A 385 22.61 -13.86 11.52
N ILE A 386 23.18 -12.96 10.72
CA ILE A 386 24.15 -13.38 9.71
C ILE A 386 25.39 -13.98 10.37
N GLN A 387 25.79 -13.43 11.52
CA GLN A 387 26.94 -13.98 12.23
C GLN A 387 26.65 -15.39 12.71
N THR A 388 25.49 -15.60 13.33
CA THR A 388 25.10 -16.94 13.75
C THR A 388 25.11 -17.89 12.56
N PHE A 389 24.70 -17.41 11.38
CA PHE A 389 24.72 -18.25 10.19
C PHE A 389 26.15 -18.64 9.83
N LEU A 390 27.04 -17.66 9.73
CA LEU A 390 28.38 -17.86 9.17
C LEU A 390 29.31 -18.66 10.06
N LEU A 391 28.90 -19.26 11.18
CA LEU A 391 29.83 -19.93 12.08
C LEU A 391 29.59 -21.42 12.23
N LEU A 392 28.50 -21.95 11.71
CA LEU A 392 28.19 -23.35 11.88
C LEU A 392 29.11 -24.22 11.02
N ASP A 393 28.90 -25.53 11.06
CA ASP A 393 29.84 -26.49 10.52
C ASP A 393 29.95 -26.34 9.00
N GLU A 394 30.84 -27.15 8.41
CA GLU A 394 31.12 -27.08 6.99
C GLU A 394 31.39 -28.49 6.47
N ILE A 395 31.90 -28.58 5.25
CA ILE A 395 32.19 -29.86 4.61
C ILE A 395 33.63 -30.27 4.92
N SER A 396 33.91 -31.57 4.82
CA SER A 396 35.26 -32.07 5.05
C SER A 396 36.24 -31.46 4.06
N VAL A 696 -3.95 8.78 -16.33
CA VAL A 696 -5.11 8.99 -15.48
C VAL A 696 -6.06 10.01 -16.12
N GLY A 697 -6.56 10.95 -15.33
CA GLY A 697 -7.51 11.92 -15.81
C GLY A 697 -8.37 12.47 -14.68
N PHE A 698 -9.25 13.42 -15.00
CA PHE A 698 -10.04 14.09 -13.98
C PHE A 698 -11.29 13.30 -13.58
N GLN A 699 -11.73 12.36 -14.42
CA GLN A 699 -12.87 11.54 -14.05
C GLN A 699 -12.55 10.64 -12.87
N ALA A 700 -11.33 10.09 -12.83
CA ALA A 700 -10.90 9.23 -11.74
C ALA A 700 -10.80 9.97 -10.42
N TYR A 701 -10.90 11.29 -10.41
CA TYR A 701 -10.95 12.09 -9.19
C TYR A 701 -12.36 12.48 -8.80
N LYS A 702 -13.19 12.85 -9.78
CA LYS A 702 -14.60 13.13 -9.48
C LYS A 702 -15.29 11.88 -8.96
N ASN A 703 -15.13 10.75 -9.66
CA ASN A 703 -15.79 9.53 -9.24
C ASN A 703 -15.34 9.06 -7.86
N TYR A 704 -14.21 9.57 -7.38
CA TYR A 704 -13.70 9.19 -6.07
C TYR A 704 -13.96 10.23 -4.99
N PHE A 705 -14.23 11.48 -5.37
CA PHE A 705 -14.51 12.53 -4.40
C PHE A 705 -15.99 12.81 -4.24
N ARG A 706 -16.78 12.65 -5.29
CA ARG A 706 -18.21 12.92 -5.23
C ARG A 706 -19.02 11.78 -4.64
N ALA A 707 -18.37 10.66 -4.32
CA ALA A 707 -19.00 9.55 -3.62
C ALA A 707 -18.74 9.61 -2.13
N GLY A 708 -18.24 10.74 -1.64
CA GLY A 708 -17.92 10.88 -0.22
C GLY A 708 -18.87 11.81 0.49
N ALA A 709 -19.31 12.86 -0.19
CA ALA A 709 -20.20 13.83 0.43
C ALA A 709 -20.67 14.82 -0.63
N HIS A 710 -21.74 15.53 -0.29
CA HIS A 710 -22.26 16.58 -1.16
C HIS A 710 -21.24 17.70 -1.27
N TRP A 711 -21.28 18.43 -2.39
CA TRP A 711 -20.27 19.46 -2.64
C TRP A 711 -20.29 20.57 -1.60
N ILE A 712 -21.34 20.65 -0.78
CA ILE A 712 -21.35 21.63 0.31
C ILE A 712 -20.19 21.38 1.26
N VAL A 713 -19.87 20.10 1.50
CA VAL A 713 -18.74 19.78 2.36
C VAL A 713 -17.42 20.17 1.70
N PHE A 714 -17.32 20.01 0.38
CA PHE A 714 -16.13 20.43 -0.34
C PHE A 714 -15.99 21.94 -0.41
N ILE A 715 -17.09 22.67 -0.20
CA ILE A 715 -17.01 24.12 -0.08
C ILE A 715 -16.70 24.55 1.35
N PHE A 716 -17.11 23.76 2.35
CA PHE A 716 -16.80 24.10 3.73
C PHE A 716 -15.34 23.84 4.06
N LEU A 717 -14.80 22.70 3.64
CA LEU A 717 -13.42 22.40 4.00
C LEU A 717 -12.44 23.35 3.33
N ILE A 718 -12.80 23.96 2.21
CA ILE A 718 -11.94 24.95 1.58
C ILE A 718 -11.82 26.19 2.46
N LEU A 719 -12.95 26.74 2.91
CA LEU A 719 -12.92 27.86 3.84
C LEU A 719 -12.30 27.48 5.18
N LEU A 720 -12.31 26.21 5.54
CA LEU A 720 -11.66 25.76 6.76
C LEU A 720 -10.15 25.62 6.59
N ASN A 721 -9.67 25.33 5.39
CA ASN A 721 -8.23 25.24 5.16
C ASN A 721 -7.61 26.61 4.93
N THR A 722 -8.37 27.53 4.34
CA THR A 722 -7.85 28.86 4.00
C THR A 722 -7.99 29.86 5.15
N ALA A 723 -8.05 29.38 6.38
CA ALA A 723 -8.03 30.24 7.56
C ALA A 723 -6.92 29.89 8.53
N ALA A 724 -6.57 28.61 8.65
CA ALA A 724 -5.45 28.23 9.51
C ALA A 724 -4.16 28.92 9.07
N GLN A 725 -3.93 28.99 7.76
CA GLN A 725 -2.71 29.63 7.27
C GLN A 725 -2.76 31.14 7.51
N VAL A 726 -3.92 31.75 7.30
CA VAL A 726 -4.07 33.17 7.58
C VAL A 726 -3.71 33.47 9.02
N ALA A 727 -4.16 32.62 9.95
CA ALA A 727 -3.83 32.82 11.35
C ALA A 727 -2.35 32.55 11.60
N TYR A 728 -1.80 31.52 10.97
CA TYR A 728 -0.39 31.21 11.09
C TYR A 728 0.48 32.42 10.74
N VAL A 729 0.06 33.18 9.74
CA VAL A 729 0.83 34.35 9.33
C VAL A 729 0.53 35.59 10.17
N LEU A 730 -0.73 35.78 10.56
CA LEU A 730 -1.07 36.97 11.34
C LEU A 730 -0.46 36.90 12.74
N GLN A 731 -0.32 35.70 13.30
CA GLN A 731 0.32 35.56 14.60
C GLN A 731 1.72 36.17 14.58
N ASP A 732 2.46 35.97 13.50
CA ASP A 732 3.80 36.55 13.37
C ASP A 732 3.75 38.03 13.02
N TRP A 733 2.83 38.43 12.13
CA TRP A 733 2.73 39.84 11.79
C TRP A 733 2.44 40.71 13.01
N TRP A 734 1.73 40.15 14.00
CA TRP A 734 1.40 40.94 15.17
C TRP A 734 2.65 41.38 15.92
N LEU A 735 3.69 40.54 15.95
CA LEU A 735 4.91 40.90 16.65
C LEU A 735 5.64 42.04 15.95
N SER A 736 5.67 42.02 14.62
CA SER A 736 6.25 43.14 13.88
C SER A 736 5.49 44.42 14.13
N TYR A 737 4.16 44.35 14.18
CA TYR A 737 3.36 45.52 14.52
C TYR A 737 3.74 46.05 15.91
N TRP A 738 3.78 45.15 16.90
CA TRP A 738 4.18 45.52 18.25
C TRP A 738 5.52 46.24 18.26
N ALA A 739 6.52 45.66 17.57
CA ALA A 739 7.85 46.23 17.57
C ALA A 739 7.87 47.62 16.94
N ASN A 740 7.27 47.75 15.75
CA ASN A 740 7.27 49.04 15.08
C ASN A 740 6.52 50.09 15.87
N LYS A 741 5.55 49.68 16.70
CA LYS A 741 4.88 50.65 17.56
C LYS A 741 5.73 50.99 18.78
N GLN A 742 6.53 50.06 19.26
CA GLN A 742 7.42 50.34 20.40
C GLN A 742 8.50 51.32 19.98
N SER A 743 9.12 51.09 18.83
CA SER A 743 10.27 51.91 18.43
C SER A 743 9.93 53.40 18.38
N MET A 744 8.68 53.73 18.07
CA MET A 744 8.28 55.12 17.90
C MET A 744 8.11 55.88 19.21
N LEU A 745 8.54 55.34 20.35
CA LEU A 745 8.40 56.03 21.62
C LEU A 745 9.60 56.94 21.85
N ASN A 746 9.65 57.58 23.02
CA ASN A 746 10.77 58.43 23.39
C ASN A 746 11.88 57.61 24.04
N THR A 756 6.11 56.89 31.51
CA THR A 756 6.65 57.23 30.21
C THR A 756 5.78 56.66 29.09
N GLU A 757 4.47 56.86 29.23
CA GLU A 757 3.47 56.41 28.26
C GLU A 757 3.84 55.03 27.69
N LYS A 758 3.96 54.08 28.61
CA LYS A 758 4.30 52.72 28.24
C LYS A 758 3.14 52.07 27.47
N LEU A 759 3.35 50.82 27.06
CA LEU A 759 2.34 50.06 26.32
C LEU A 759 1.51 49.22 27.29
N ASP A 760 0.20 49.23 27.09
CA ASP A 760 -0.69 48.37 27.85
C ASP A 760 -0.60 46.95 27.32
N LEU A 761 -0.40 46.00 28.24
CA LEU A 761 -0.15 44.62 27.86
C LEU A 761 -1.43 43.83 27.62
N ASN A 762 -2.55 44.23 28.19
CA ASN A 762 -3.79 43.46 28.05
C ASN A 762 -4.14 43.24 26.58
N TRP A 763 -4.25 44.34 25.83
CA TRP A 763 -4.67 44.26 24.43
C TRP A 763 -3.66 43.46 23.60
N TYR A 764 -2.39 43.89 23.64
CA TYR A 764 -1.36 43.29 22.81
C TYR A 764 -1.14 41.83 23.13
N LEU A 765 -1.41 41.41 24.37
CA LEU A 765 -1.13 40.06 24.82
C LEU A 765 -2.37 39.16 24.79
N GLY A 766 -3.57 39.73 24.65
CA GLY A 766 -4.74 38.94 24.46
C GLY A 766 -4.98 38.62 23.00
N ILE A 767 -4.72 39.61 22.13
CA ILE A 767 -4.86 39.33 20.70
C ILE A 767 -3.92 38.22 20.27
N TYR A 768 -2.75 38.15 20.87
CA TYR A 768 -1.77 37.13 20.52
C TYR A 768 -2.27 35.74 20.92
N SER A 769 -2.85 35.62 22.12
CA SER A 769 -3.42 34.35 22.55
C SER A 769 -4.58 33.93 21.66
N GLY A 770 -5.41 34.89 21.25
CA GLY A 770 -6.51 34.56 20.35
C GLY A 770 -6.01 34.01 19.03
N LEU A 771 -5.05 34.71 18.41
CA LEU A 771 -4.46 34.22 17.18
C LEU A 771 -3.82 32.86 17.36
N THR A 772 -3.29 32.58 18.55
CA THR A 772 -2.66 31.28 18.78
C THR A 772 -3.68 30.16 18.94
N VAL A 773 -4.83 30.45 19.53
CA VAL A 773 -5.83 29.41 19.74
C VAL A 773 -6.58 29.09 18.44
N ALA A 774 -6.89 30.12 17.65
CA ALA A 774 -7.62 29.88 16.41
C ALA A 774 -6.85 28.94 15.49
N THR A 775 -5.52 29.10 15.44
CA THR A 775 -4.70 28.24 14.60
C THR A 775 -4.88 26.78 14.97
N VAL A 776 -4.79 26.47 16.26
CA VAL A 776 -4.90 25.08 16.70
C VAL A 776 -6.28 24.52 16.38
N LEU A 777 -7.34 25.29 16.65
CA LEU A 777 -8.67 24.77 16.40
C LEU A 777 -8.88 24.48 14.91
N PHE A 778 -8.56 25.47 14.06
CA PHE A 778 -8.73 25.30 12.62
C PHE A 778 -7.76 24.30 12.02
N GLY A 779 -6.71 23.92 12.74
CA GLY A 779 -5.80 22.91 12.26
C GLY A 779 -6.22 21.52 12.68
N ILE A 780 -6.97 21.44 13.77
CA ILE A 780 -7.49 20.15 14.21
C ILE A 780 -8.74 19.74 13.44
N ALA A 781 -9.66 20.68 13.19
CA ALA A 781 -10.91 20.29 12.54
C ALA A 781 -10.69 19.70 11.16
N ARG A 782 -9.78 20.31 10.38
CA ARG A 782 -9.62 19.97 8.98
C ARG A 782 -9.21 18.51 8.80
N SER A 783 -8.25 18.03 9.59
CA SER A 783 -7.75 16.68 9.42
C SER A 783 -8.86 15.65 9.60
N LEU A 784 -9.62 15.77 10.68
CA LEU A 784 -10.71 14.83 10.93
C LEU A 784 -11.75 14.90 9.82
N LEU A 785 -12.12 16.11 9.40
CA LEU A 785 -13.13 16.22 8.34
C LEU A 785 -12.66 15.52 7.07
N VAL A 786 -11.41 15.76 6.67
CA VAL A 786 -10.89 15.16 5.45
C VAL A 786 -10.86 13.64 5.57
N PHE A 787 -10.38 13.13 6.70
CA PHE A 787 -10.32 11.68 6.88
C PHE A 787 -11.69 11.04 6.75
N TYR A 788 -12.69 11.63 7.40
CA TYR A 788 -14.05 11.08 7.30
C TYR A 788 -14.55 11.10 5.87
N VAL A 789 -14.38 12.24 5.20
CA VAL A 789 -14.87 12.39 3.83
C VAL A 789 -14.19 11.42 2.88
N LEU A 790 -12.95 11.05 3.16
CA LEU A 790 -12.21 10.15 2.27
C LEU A 790 -12.38 8.68 2.63
N VAL A 791 -12.82 8.37 3.84
CA VAL A 791 -13.11 6.99 4.19
C VAL A 791 -14.52 6.58 3.77
N ASN A 792 -15.49 7.49 3.86
CA ASN A 792 -16.83 7.17 3.41
C ASN A 792 -16.83 6.70 1.96
N SER A 793 -15.91 7.23 1.15
CA SER A 793 -15.87 6.87 -0.27
C SER A 793 -15.59 5.39 -0.46
N SER A 794 -14.55 4.86 0.19
CA SER A 794 -14.28 3.44 0.13
C SER A 794 -15.44 2.65 0.72
N GLN A 795 -15.97 3.12 1.85
CA GLN A 795 -17.10 2.42 2.47
C GLN A 795 -18.24 2.23 1.47
N THR A 796 -18.48 3.20 0.59
CA THR A 796 -19.58 3.10 -0.35
C THR A 796 -19.19 2.47 -1.69
N LEU A 797 -17.90 2.44 -2.04
CA LEU A 797 -17.49 1.73 -3.25
C LEU A 797 -17.46 0.21 -3.06
N HIS A 798 -17.02 -0.26 -1.89
CA HIS A 798 -16.93 -1.69 -1.69
C HIS A 798 -18.30 -2.36 -1.81
N ASN A 799 -19.34 -1.72 -1.28
CA ASN A 799 -20.68 -2.29 -1.34
C ASN A 799 -21.15 -2.40 -2.79
N LYS A 800 -20.93 -1.36 -3.58
CA LYS A 800 -21.25 -1.41 -5.01
C LYS A 800 -20.55 -2.59 -5.67
N MET A 801 -19.24 -2.71 -5.44
CA MET A 801 -18.48 -3.80 -6.04
C MET A 801 -19.10 -5.15 -5.71
N PHE A 802 -19.28 -5.41 -4.42
CA PHE A 802 -19.80 -6.71 -3.99
C PHE A 802 -21.17 -6.98 -4.59
N GLU A 803 -22.11 -6.05 -4.40
CA GLU A 803 -23.46 -6.22 -4.95
C GLU A 803 -23.43 -6.40 -6.46
N SER A 804 -22.39 -5.91 -7.14
CA SER A 804 -22.32 -6.10 -8.57
C SER A 804 -21.80 -7.49 -8.94
N ILE A 805 -20.88 -8.04 -8.16
CA ILE A 805 -20.34 -9.36 -8.52
C ILE A 805 -21.34 -10.48 -8.27
N LEU A 806 -22.32 -10.28 -7.39
CA LEU A 806 -23.28 -11.35 -7.11
C LEU A 806 -24.28 -11.56 -8.24
N LYS A 807 -24.26 -10.72 -9.27
CA LYS A 807 -25.20 -10.84 -10.39
C LYS A 807 -24.55 -11.07 -11.73
N ALA A 808 -23.24 -10.87 -11.86
CA ALA A 808 -22.57 -11.12 -13.13
C ALA A 808 -22.76 -12.58 -13.52
N PRO A 809 -23.02 -12.88 -14.79
CA PRO A 809 -23.20 -14.28 -15.20
C PRO A 809 -21.94 -15.09 -14.96
N VAL A 810 -22.07 -16.41 -15.13
CA VAL A 810 -20.94 -17.30 -14.96
C VAL A 810 -19.89 -17.10 -16.05
N LEU A 811 -20.28 -16.56 -17.20
CA LEU A 811 -19.33 -16.34 -18.29
C LEU A 811 -18.17 -15.47 -17.83
N PHE A 812 -18.48 -14.41 -17.08
CA PHE A 812 -17.43 -13.53 -16.59
C PHE A 812 -16.51 -14.24 -15.61
N PHE A 813 -16.94 -15.38 -15.06
CA PHE A 813 -16.18 -16.07 -14.04
C PHE A 813 -15.21 -17.10 -14.61
N ASP A 814 -15.66 -17.93 -15.55
CA ASP A 814 -14.81 -19.01 -16.06
C ASP A 814 -13.63 -18.49 -16.87
N ARG A 815 -13.73 -17.30 -17.45
CA ARG A 815 -12.61 -16.73 -18.19
C ARG A 815 -11.62 -16.01 -17.29
N ASN A 816 -12.12 -15.37 -16.22
CA ASN A 816 -11.24 -14.66 -15.31
C ASN A 816 -10.76 -15.60 -14.20
N PRO A 817 -9.52 -15.48 -13.76
CA PRO A 817 -9.04 -16.32 -12.66
C PRO A 817 -9.40 -15.73 -11.30
N ILE A 818 -9.56 -16.63 -10.32
CA ILE A 818 -9.95 -16.21 -8.97
C ILE A 818 -8.90 -15.29 -8.37
N GLY A 819 -7.62 -15.63 -8.57
CA GLY A 819 -6.56 -14.85 -7.97
C GLY A 819 -6.66 -13.37 -8.29
N ARG A 820 -7.01 -13.05 -9.54
CA ARG A 820 -7.14 -11.65 -9.93
C ARG A 820 -8.16 -10.92 -9.06
N ILE A 821 -9.36 -11.48 -8.98
CA ILE A 821 -10.45 -10.81 -8.26
C ILE A 821 -10.11 -10.70 -6.78
N LEU A 822 -9.52 -11.75 -6.22
CA LEU A 822 -9.22 -11.72 -4.79
C LEU A 822 -8.11 -10.74 -4.47
N ASN A 823 -7.05 -10.72 -5.27
CA ASN A 823 -6.00 -9.73 -5.10
C ASN A 823 -6.57 -8.33 -5.20
N ARG A 824 -7.50 -8.12 -6.13
CA ARG A 824 -8.19 -6.83 -6.20
C ARG A 824 -8.84 -6.51 -4.87
N PHE A 825 -9.82 -7.33 -4.47
CA PHE A 825 -10.58 -7.09 -3.26
C PHE A 825 -9.70 -6.84 -2.04
N SER A 826 -8.52 -7.45 -1.99
CA SER A 826 -7.65 -7.25 -0.84
C SER A 826 -6.81 -5.98 -0.98
N LYS A 827 -5.96 -5.92 -1.99
CA LYS A 827 -4.96 -4.87 -2.06
C LYS A 827 -5.56 -3.52 -2.42
N ASP A 828 -6.47 -3.47 -3.39
CA ASP A 828 -7.03 -2.18 -3.78
C ASP A 828 -7.78 -1.55 -2.61
N ILE A 829 -8.58 -2.34 -1.90
CA ILE A 829 -9.31 -1.81 -0.76
C ILE A 829 -8.35 -1.43 0.37
N GLY A 830 -7.30 -2.22 0.60
CA GLY A 830 -6.33 -1.83 1.59
C GLY A 830 -5.73 -0.46 1.30
N HIS A 831 -5.35 -0.25 0.04
CA HIS A 831 -4.81 1.05 -0.35
C HIS A 831 -5.83 2.15 -0.17
N LEU A 832 -7.06 1.93 -0.60
CA LEU A 832 -8.08 2.97 -0.47
C LEU A 832 -8.34 3.32 0.99
N ASP A 833 -8.20 2.34 1.89
CA ASP A 833 -8.57 2.56 3.28
C ASP A 833 -7.42 3.02 4.17
N ASP A 834 -6.17 2.81 3.75
CA ASP A 834 -5.03 3.05 4.63
C ASP A 834 -4.14 4.22 4.20
N LEU A 835 -3.79 4.33 2.92
CA LEU A 835 -2.69 5.19 2.52
C LEU A 835 -3.10 6.48 1.83
N LEU A 836 -4.19 6.51 1.09
CA LEU A 836 -4.50 7.66 0.26
C LEU A 836 -4.75 8.92 1.09
N PRO A 837 -5.62 8.87 2.10
CA PRO A 837 -5.96 10.09 2.84
C PRO A 837 -4.76 10.78 3.47
N LEU A 838 -3.86 10.00 4.09
CA LEU A 838 -2.67 10.59 4.70
C LEU A 838 -1.86 11.37 3.68
N THR A 839 -1.59 10.75 2.53
CA THR A 839 -0.80 11.42 1.49
C THR A 839 -1.51 12.67 0.97
N PHE A 840 -2.81 12.58 0.70
CA PHE A 840 -3.55 13.75 0.23
C PHE A 840 -3.44 14.90 1.22
N LEU A 841 -3.64 14.61 2.50
CA LEU A 841 -3.61 15.66 3.51
C LEU A 841 -2.23 16.29 3.62
N ASP A 842 -1.19 15.46 3.72
CA ASP A 842 0.16 15.98 3.80
C ASP A 842 0.49 16.82 2.58
N PHE A 843 0.05 16.38 1.40
CA PHE A 843 0.35 17.11 0.17
C PHE A 843 -0.30 18.48 0.18
N ILE A 844 -1.59 18.55 0.50
CA ILE A 844 -2.26 19.86 0.49
C ILE A 844 -1.67 20.77 1.56
N GLN A 845 -1.30 20.21 2.71
CA GLN A 845 -0.73 21.03 3.78
C GLN A 845 0.61 21.65 3.34
N THR A 846 1.52 20.80 2.85
CA THR A 846 2.82 21.29 2.42
C THR A 846 2.74 22.14 1.15
N LEU A 847 1.65 22.03 0.40
CA LEU A 847 1.43 22.91 -0.74
C LEU A 847 0.84 24.25 -0.34
N LEU A 848 0.10 24.30 0.76
CA LEU A 848 -0.42 25.57 1.26
C LEU A 848 0.64 26.38 1.99
N GLN A 849 1.59 25.72 2.65
CA GLN A 849 2.65 26.47 3.33
C GLN A 849 3.44 27.33 2.35
N VAL A 850 3.77 26.77 1.19
CA VAL A 850 4.58 27.48 0.20
C VAL A 850 3.87 28.73 -0.29
N VAL A 851 2.56 28.63 -0.52
CA VAL A 851 1.81 29.78 -1.02
C VAL A 851 1.83 30.91 0.00
N GLY A 852 1.74 30.57 1.29
CA GLY A 852 1.84 31.60 2.31
C GLY A 852 3.22 32.25 2.33
N VAL A 853 4.26 31.44 2.23
CA VAL A 853 5.62 32.00 2.15
C VAL A 853 5.71 33.01 1.01
N VAL A 854 5.27 32.60 -0.17
CA VAL A 854 5.40 33.45 -1.35
C VAL A 854 4.57 34.72 -1.20
N SER A 855 3.31 34.59 -0.78
CA SER A 855 2.45 35.75 -0.62
C SER A 855 2.93 36.69 0.47
N VAL A 856 3.71 36.19 1.44
CA VAL A 856 4.30 37.09 2.42
C VAL A 856 5.50 37.80 1.83
N ALA A 857 6.29 37.11 1.01
CA ALA A 857 7.45 37.75 0.42
C ALA A 857 7.08 38.77 -0.65
N VAL A 858 5.92 38.61 -1.29
CA VAL A 858 5.52 39.54 -2.35
C VAL A 858 4.95 40.83 -1.76
N ALA A 859 4.02 40.71 -0.82
CA ALA A 859 3.32 41.87 -0.30
C ALA A 859 4.26 42.93 0.25
N VAL A 860 5.49 42.55 0.61
CA VAL A 860 6.46 43.50 1.12
C VAL A 860 7.30 44.11 0.00
N ILE A 861 7.52 43.34 -1.07
CA ILE A 861 8.31 43.79 -2.22
C ILE A 861 7.55 43.43 -3.48
N PRO A 862 6.65 44.27 -3.98
CA PRO A 862 5.82 43.88 -5.13
C PRO A 862 6.62 43.58 -6.39
N TRP A 863 7.90 43.95 -6.45
CA TRP A 863 8.72 43.75 -7.63
C TRP A 863 9.27 42.34 -7.72
N ILE A 864 8.85 41.42 -6.86
CA ILE A 864 9.34 40.06 -6.87
C ILE A 864 8.29 39.16 -7.52
N ALA A 865 7.44 39.76 -8.35
CA ALA A 865 6.46 39.02 -9.12
C ALA A 865 6.83 38.87 -10.58
N ILE A 866 7.85 39.61 -11.05
CA ILE A 866 8.28 39.55 -12.43
C ILE A 866 9.14 38.32 -12.67
N PRO A 867 10.07 37.97 -11.75
CA PRO A 867 10.90 36.78 -11.98
C PRO A 867 10.20 35.48 -11.61
N LEU A 868 9.22 35.56 -10.71
CA LEU A 868 8.54 34.35 -10.27
C LEU A 868 7.87 33.62 -11.42
N VAL A 869 7.42 34.34 -12.45
CA VAL A 869 6.73 33.71 -13.56
C VAL A 869 7.76 32.98 -14.43
N PRO A 870 8.87 33.60 -14.82
CA PRO A 870 9.94 32.83 -15.46
C PRO A 870 10.40 31.64 -14.63
N LEU A 871 10.36 31.73 -13.30
CA LEU A 871 10.82 30.63 -12.46
C LEU A 871 9.76 29.55 -12.27
N GLY A 872 8.49 29.85 -12.54
CA GLY A 872 7.43 28.88 -12.44
C GLY A 872 7.08 28.16 -13.71
N ILE A 873 7.65 28.58 -14.85
CA ILE A 873 7.41 27.90 -16.11
C ILE A 873 8.49 26.85 -16.41
N ILE A 874 9.66 26.95 -15.80
CA ILE A 874 10.71 25.95 -16.01
C ILE A 874 10.40 24.68 -15.22
N PHE A 875 9.81 24.84 -14.04
CA PHE A 875 9.49 23.68 -13.21
C PHE A 875 8.53 22.74 -13.92
N ILE A 876 7.50 23.30 -14.56
CA ILE A 876 6.46 22.48 -15.17
C ILE A 876 7.01 21.64 -16.32
N PHE A 877 7.99 22.16 -17.06
CA PHE A 877 8.57 21.39 -18.15
C PHE A 877 9.65 20.43 -17.66
N LEU A 878 10.44 20.86 -16.69
CA LEU A 878 11.47 19.98 -16.12
C LEU A 878 10.84 18.75 -15.49
N ARG A 879 9.72 18.92 -14.79
CA ARG A 879 9.05 17.79 -14.16
C ARG A 879 8.73 16.70 -15.18
N ARG A 880 8.19 17.10 -16.33
CA ARG A 880 7.83 16.11 -17.35
C ARG A 880 9.06 15.54 -18.02
N TYR A 881 10.03 16.41 -18.35
CA TYR A 881 11.26 15.95 -18.98
C TYR A 881 11.96 14.90 -18.12
N PHE A 882 11.78 14.97 -16.81
CA PHE A 882 12.37 13.96 -15.92
C PHE A 882 11.49 12.74 -15.79
N LEU A 883 10.18 12.95 -15.56
CA LEU A 883 9.27 11.84 -15.34
C LEU A 883 9.17 10.94 -16.56
N GLU A 884 9.49 11.45 -17.74
CA GLU A 884 9.43 10.63 -18.94
C GLU A 884 10.28 9.37 -18.80
N THR A 885 11.56 9.55 -18.45
CA THR A 885 12.48 8.42 -18.32
C THR A 885 12.70 8.00 -16.87
N SER A 886 12.06 8.66 -15.90
CA SER A 886 12.18 8.21 -14.53
C SER A 886 11.30 7.01 -14.21
N ARG A 887 10.23 6.80 -14.97
CA ARG A 887 9.32 5.68 -14.74
C ARG A 887 9.73 4.43 -15.51
N ASP A 888 10.96 4.39 -16.01
CA ASP A 888 11.49 3.22 -16.71
C ASP A 888 12.53 2.47 -15.90
N VAL A 889 13.27 3.15 -15.03
CA VAL A 889 14.36 2.52 -14.30
C VAL A 889 13.83 1.56 -13.24
N LYS A 890 12.63 1.81 -12.74
CA LYS A 890 12.04 0.92 -11.73
C LYS A 890 11.87 -0.49 -12.29
N ARG A 891 11.40 -0.58 -13.53
CA ARG A 891 11.23 -1.87 -14.18
C ARG A 891 12.58 -2.57 -14.35
N LEU A 892 13.59 -1.82 -14.81
CA LEU A 892 14.92 -2.39 -14.98
C LEU A 892 15.48 -2.88 -13.66
N GLU A 893 15.09 -2.23 -12.55
CA GLU A 893 15.55 -2.67 -11.24
C GLU A 893 14.86 -3.96 -10.81
N SER A 894 13.54 -4.00 -10.91
CA SER A 894 12.79 -5.16 -10.42
C SER A 894 13.08 -6.41 -11.26
N THR A 895 13.01 -6.27 -12.59
CA THR A 895 13.21 -7.42 -13.47
C THR A 895 14.64 -7.94 -13.41
N THR A 896 15.60 -7.09 -13.08
CA THR A 896 16.97 -7.51 -12.91
C THR A 896 17.27 -8.00 -11.50
N ARG A 897 16.41 -7.66 -10.53
CA ARG A 897 16.60 -8.16 -9.17
C ARG A 897 16.06 -9.57 -9.02
N SER A 898 14.88 -9.84 -9.58
CA SER A 898 14.28 -11.16 -9.41
C SER A 898 15.19 -12.32 -9.80
N PRO A 899 15.94 -12.26 -10.92
CA PRO A 899 16.77 -13.42 -11.30
C PRO A 899 17.78 -13.83 -10.24
N VAL A 900 18.23 -12.89 -9.40
CA VAL A 900 19.19 -13.26 -8.36
C VAL A 900 18.57 -14.31 -7.43
N PHE A 901 17.40 -14.00 -6.87
CA PHE A 901 16.72 -14.94 -6.00
C PHE A 901 16.32 -16.20 -6.74
N SER A 902 15.89 -16.07 -8.00
CA SER A 902 15.54 -17.24 -8.78
C SER A 902 16.73 -18.20 -8.88
N HIS A 903 17.89 -17.68 -9.26
CA HIS A 903 19.08 -18.52 -9.42
C HIS A 903 19.52 -19.10 -8.08
N LEU A 904 19.43 -18.31 -7.01
CA LEU A 904 19.82 -18.82 -5.70
C LEU A 904 18.94 -20.00 -5.30
N SER A 905 17.62 -19.87 -5.48
CA SER A 905 16.71 -20.96 -5.16
C SER A 905 16.98 -22.17 -6.03
N SER A 906 17.21 -21.95 -7.33
CA SER A 906 17.47 -23.07 -8.23
C SER A 906 18.75 -23.81 -7.85
N SER A 907 19.76 -23.07 -7.38
CA SER A 907 21.04 -23.68 -7.07
C SER A 907 21.06 -24.35 -5.70
N LEU A 908 20.30 -23.85 -4.73
CA LEU A 908 20.33 -24.45 -3.41
C LEU A 908 19.81 -25.88 -3.42
N GLN A 909 18.78 -26.15 -4.24
CA GLN A 909 18.21 -27.49 -4.27
C GLN A 909 19.16 -28.48 -4.96
N GLY A 910 19.52 -28.20 -6.20
CA GLY A 910 20.42 -29.08 -6.93
C GLY A 910 21.86 -28.94 -6.47
N LEU A 911 22.14 -29.37 -5.25
CA LEU A 911 23.47 -29.22 -4.67
C LEU A 911 24.31 -30.48 -4.84
N TRP A 912 23.74 -31.65 -4.53
CA TRP A 912 24.49 -32.90 -4.62
C TRP A 912 25.11 -33.07 -6.00
N THR A 913 24.37 -32.73 -7.05
CA THR A 913 24.88 -32.85 -8.41
C THR A 913 26.04 -31.88 -8.68
N ILE A 914 26.30 -30.95 -7.78
CA ILE A 914 27.41 -30.01 -7.94
C ILE A 914 28.66 -30.51 -7.23
N ARG A 915 28.54 -30.87 -5.96
CA ARG A 915 29.69 -31.36 -5.21
C ARG A 915 30.29 -32.59 -5.86
N ALA A 916 29.48 -33.40 -6.54
CA ALA A 916 29.99 -34.61 -7.18
C ALA A 916 31.11 -34.28 -8.16
N TYR A 917 31.09 -33.09 -8.74
CA TYR A 917 32.14 -32.63 -9.65
C TYR A 917 32.88 -31.46 -9.02
N LYS A 918 34.13 -31.27 -9.44
CA LYS A 918 34.96 -30.20 -8.91
C LYS A 918 34.65 -28.89 -9.61
N ALA A 919 33.38 -28.51 -9.67
CA ALA A 919 32.92 -27.27 -10.31
C ALA A 919 31.99 -26.56 -9.34
N GLU A 920 32.56 -25.74 -8.47
CA GLU A 920 31.80 -24.95 -7.51
C GLU A 920 31.98 -23.45 -7.69
N GLU A 921 32.83 -23.02 -8.63
CA GLU A 921 33.08 -21.61 -8.86
C GLU A 921 32.36 -21.07 -10.08
N ARG A 922 32.08 -21.91 -11.08
CA ARG A 922 31.31 -21.46 -12.24
C ARG A 922 30.00 -20.82 -11.82
N CYS A 923 29.28 -21.47 -10.90
CA CYS A 923 28.06 -20.87 -10.37
C CYS A 923 28.35 -19.56 -9.66
N GLN A 924 29.53 -19.43 -9.06
CA GLN A 924 29.90 -18.16 -8.44
C GLN A 924 30.06 -17.08 -9.49
N GLU A 925 30.68 -17.41 -10.63
CA GLU A 925 30.78 -16.45 -11.72
C GLU A 925 29.41 -16.05 -12.23
N LEU A 926 28.51 -17.03 -12.38
CA LEU A 926 27.16 -16.71 -12.83
C LEU A 926 26.43 -15.82 -11.84
N PHE A 927 26.63 -16.04 -10.55
CA PHE A 927 26.00 -15.20 -9.54
C PHE A 927 26.56 -13.77 -9.60
N ASP A 928 27.88 -13.65 -9.73
CA ASP A 928 28.47 -12.32 -9.88
C ASP A 928 27.90 -11.61 -11.10
N ALA A 929 27.75 -12.33 -12.21
CA ALA A 929 27.18 -11.74 -13.42
C ALA A 929 25.74 -11.30 -13.18
N HIS A 930 24.95 -12.13 -12.51
CA HIS A 930 23.56 -11.80 -12.27
C HIS A 930 23.39 -10.64 -11.31
N GLN A 931 24.37 -10.41 -10.43
CA GLN A 931 24.29 -9.27 -9.52
C GLN A 931 24.86 -7.99 -10.10
N ASP A 932 25.80 -8.08 -11.04
CA ASP A 932 26.34 -6.87 -11.67
C ASP A 932 25.25 -6.12 -12.43
N LEU A 933 24.29 -6.82 -13.00
CA LEU A 933 23.20 -6.15 -13.73
C LEU A 933 22.35 -5.32 -12.77
N HIS A 934 21.99 -5.89 -11.63
CA HIS A 934 21.26 -5.13 -10.63
C HIS A 934 22.07 -3.95 -10.13
N SER A 935 23.39 -4.15 -9.97
CA SER A 935 24.24 -3.03 -9.58
C SER A 935 24.17 -1.91 -10.60
N GLU A 936 24.24 -2.26 -11.89
CA GLU A 936 24.11 -1.25 -12.94
C GLU A 936 22.79 -0.51 -12.84
N ALA A 937 21.68 -1.26 -12.76
CA ALA A 937 20.36 -0.66 -12.73
C ALA A 937 20.07 0.11 -11.44
N TRP A 938 20.85 -0.13 -10.39
CA TRP A 938 20.74 0.63 -9.16
C TRP A 938 21.61 1.87 -9.16
N PHE A 939 22.72 1.84 -9.88
CA PHE A 939 23.62 2.99 -10.00
C PHE A 939 22.98 4.15 -10.75
N LEU A 940 21.89 3.92 -11.48
CA LEU A 940 21.22 4.98 -12.22
C LEU A 940 20.12 5.65 -11.42
N PHE A 941 19.49 4.90 -10.50
CA PHE A 941 18.42 5.46 -9.67
C PHE A 941 18.92 6.67 -8.88
N LEU A 942 20.05 6.50 -8.19
CA LEU A 942 20.60 7.56 -7.36
C LEU A 942 20.93 8.79 -8.20
N THR A 943 21.63 8.58 -9.32
CA THR A 943 22.05 9.70 -10.15
C THR A 943 20.86 10.42 -10.78
N THR A 944 19.85 9.69 -11.24
CA THR A 944 18.67 10.34 -11.80
C THR A 944 17.81 11.02 -10.74
N SER A 945 17.87 10.59 -9.49
CA SER A 945 17.20 11.30 -8.41
C SER A 945 17.98 12.53 -7.97
N ARG A 946 19.30 12.55 -8.15
CA ARG A 946 20.10 13.70 -7.76
C ARG A 946 20.23 14.74 -8.89
N TRP A 947 20.03 14.33 -10.13
CA TRP A 947 20.11 15.26 -11.25
C TRP A 947 19.00 16.31 -11.20
N PHE A 948 17.96 16.07 -10.40
CA PHE A 948 16.80 16.95 -10.36
C PHE A 948 16.85 17.89 -9.15
N ALA A 949 17.31 17.36 -8.01
CA ALA A 949 17.31 18.14 -6.78
C ALA A 949 18.21 19.36 -6.89
N VAL A 950 19.31 19.23 -7.64
CA VAL A 950 20.22 20.36 -7.79
C VAL A 950 19.54 21.51 -8.53
N ARG A 951 18.91 21.19 -9.66
CA ARG A 951 18.20 22.21 -10.42
C ARG A 951 17.09 22.83 -9.58
N LEU A 952 16.44 22.04 -8.73
CA LEU A 952 15.37 22.59 -7.89
C LEU A 952 15.92 23.52 -6.82
N ASP A 953 16.99 23.09 -6.14
CA ASP A 953 17.57 23.90 -5.09
C ASP A 953 18.20 25.18 -5.65
N ALA A 954 18.61 25.17 -6.92
CA ALA A 954 19.08 26.40 -7.54
C ALA A 954 18.04 27.51 -7.41
N ILE A 955 16.78 27.20 -7.76
CA ILE A 955 15.71 28.18 -7.64
C ILE A 955 15.42 28.47 -6.17
N CYS A 956 15.29 27.41 -5.37
CA CYS A 956 15.01 27.60 -3.95
C CYS A 956 16.04 28.51 -3.27
N ALA A 957 17.24 28.62 -3.83
CA ALA A 957 18.29 29.48 -3.28
C ALA A 957 18.37 30.83 -3.96
N MET A 958 18.04 30.93 -5.24
CA MET A 958 18.00 32.23 -5.89
C MET A 958 16.91 33.12 -5.31
N PHE A 959 15.80 32.50 -4.88
CA PHE A 959 14.74 33.27 -4.24
C PHE A 959 15.28 34.10 -3.07
N VAL A 960 16.07 33.45 -2.20
CA VAL A 960 16.56 34.10 -0.99
C VAL A 960 17.48 35.27 -1.34
N ILE A 961 18.39 35.04 -2.29
CA ILE A 961 19.31 36.10 -2.71
C ILE A 961 18.52 37.31 -3.21
N ILE A 962 17.54 37.05 -4.07
CA ILE A 962 16.72 38.15 -4.60
C ILE A 962 16.08 38.92 -3.46
N VAL A 963 15.46 38.19 -2.52
CA VAL A 963 14.77 38.85 -1.42
C VAL A 963 15.73 39.75 -0.64
N ALA A 964 16.88 39.19 -0.24
CA ALA A 964 17.81 39.94 0.61
C ALA A 964 18.32 41.19 -0.09
N PHE A 965 18.79 41.05 -1.33
CA PHE A 965 19.39 42.20 -2.00
C PHE A 965 18.33 43.23 -2.36
N GLY A 966 17.11 42.81 -2.66
CA GLY A 966 16.04 43.79 -2.83
C GLY A 966 15.78 44.57 -1.56
N SER A 967 15.66 43.86 -0.43
CA SER A 967 15.47 44.53 0.85
C SER A 967 16.58 45.54 1.10
N LEU A 968 17.81 45.23 0.67
CA LEU A 968 18.92 46.14 0.93
C LEU A 968 18.87 47.36 0.02
N ILE A 969 18.60 47.17 -1.27
CA ILE A 969 18.63 48.29 -2.20
C ILE A 969 17.31 49.07 -2.14
N LEU A 970 16.40 48.65 -1.26
CA LEU A 970 15.17 49.39 -1.01
C LEU A 970 15.04 49.82 0.44
N ALA A 971 16.15 50.11 1.12
CA ALA A 971 16.13 50.37 2.56
C ALA A 971 15.50 51.72 2.91
N LYS A 972 15.19 52.52 1.90
CA LYS A 972 14.66 53.86 2.12
C LYS A 972 13.15 53.92 2.19
N THR A 973 12.46 52.81 1.92
CA THR A 973 11.01 52.80 1.86
C THR A 973 10.44 51.60 2.59
N LEU A 974 11.05 51.23 3.71
CA LEU A 974 10.49 50.20 4.58
C LEU A 974 11.28 50.21 5.89
N ASP A 975 10.91 49.29 6.78
CA ASP A 975 11.44 49.27 8.14
C ASP A 975 11.86 47.84 8.49
N ALA A 976 12.20 47.63 9.77
CA ALA A 976 12.85 46.39 10.17
C ALA A 976 11.87 45.24 10.28
N GLY A 977 10.69 45.49 10.84
CA GLY A 977 9.74 44.43 11.09
C GLY A 977 9.40 43.59 9.88
N GLN A 978 8.98 44.24 8.79
CA GLN A 978 8.51 43.49 7.63
C GLN A 978 9.66 42.80 6.90
N VAL A 979 10.84 43.41 6.85
CA VAL A 979 11.97 42.74 6.21
C VAL A 979 12.39 41.52 7.00
N GLY A 980 12.42 41.62 8.34
CA GLY A 980 12.70 40.46 9.15
C GLY A 980 11.66 39.38 8.98
N LEU A 981 10.38 39.77 8.88
CA LEU A 981 9.32 38.80 8.65
C LEU A 981 9.52 38.07 7.32
N ALA A 982 9.89 38.81 6.28
CA ALA A 982 10.11 38.19 4.98
C ALA A 982 11.28 37.23 5.01
N LEU A 983 12.38 37.63 5.64
CA LEU A 983 13.57 36.77 5.68
C LEU A 983 13.33 35.51 6.50
N SER A 984 12.66 35.63 7.64
CA SER A 984 12.41 34.47 8.48
C SER A 984 11.51 33.45 7.80
N TYR A 985 10.69 33.88 6.83
CA TYR A 985 9.87 32.95 6.07
C TYR A 985 10.60 32.43 4.84
N ALA A 986 11.48 33.23 4.25
CA ALA A 986 12.26 32.78 3.11
C ALA A 986 13.31 31.75 3.50
N LEU A 987 13.82 31.81 4.73
CA LEU A 987 14.80 30.85 5.20
C LEU A 987 14.18 29.54 5.67
N THR A 988 12.91 29.29 5.32
CA THR A 988 12.21 28.07 5.72
C THR A 988 11.70 27.29 4.50
N LEU A 989 12.30 27.48 3.33
CA LEU A 989 11.77 26.92 2.10
C LEU A 989 12.56 25.73 1.60
N MET A 990 13.66 25.36 2.26
CA MET A 990 14.55 24.34 1.74
C MET A 990 14.11 22.92 2.08
N GLY A 991 13.12 22.76 2.94
CA GLY A 991 12.66 21.43 3.32
C GLY A 991 11.31 21.04 2.76
N MET A 992 10.39 22.00 2.67
CA MET A 992 9.02 21.66 2.30
C MET A 992 8.86 21.47 0.79
N PHE A 993 9.66 22.17 -0.01
CA PHE A 993 9.53 22.09 -1.47
C PHE A 993 9.77 20.67 -1.96
N GLN A 994 10.82 20.03 -1.44
CA GLN A 994 11.14 18.67 -1.86
C GLN A 994 10.00 17.72 -1.50
N TRP A 995 9.47 17.82 -0.27
CA TRP A 995 8.40 16.94 0.15
C TRP A 995 7.15 17.15 -0.69
N CYS A 996 6.82 18.40 -0.99
CA CYS A 996 5.64 18.68 -1.81
C CYS A 996 5.79 18.09 -3.21
N VAL A 997 6.97 18.26 -3.82
CA VAL A 997 7.18 17.72 -5.16
C VAL A 997 7.34 16.20 -5.16
N ARG A 998 7.63 15.59 -4.01
CA ARG A 998 7.84 14.17 -3.92
C ARG A 998 6.58 13.39 -3.58
N GLN A 999 5.63 13.99 -2.87
CA GLN A 999 4.41 13.27 -2.50
C GLN A 999 3.47 13.07 -3.68
N SER A 1000 3.46 14.02 -4.63
CA SER A 1000 2.59 13.91 -5.79
C SER A 1000 2.89 12.65 -6.60
N ALA A 1001 4.17 12.25 -6.66
CA ALA A 1001 4.52 11.03 -7.37
C ALA A 1001 3.81 9.83 -6.77
N GLU A 1002 3.91 9.65 -5.45
CA GLU A 1002 3.24 8.54 -4.80
C GLU A 1002 1.73 8.62 -4.98
N VAL A 1003 1.17 9.83 -4.90
CA VAL A 1003 -0.27 10.00 -5.07
C VAL A 1003 -0.72 9.48 -6.44
N GLU A 1004 -0.10 10.02 -7.49
CA GLU A 1004 -0.44 9.61 -8.85
C GLU A 1004 -0.06 8.17 -9.14
N ASN A 1005 0.82 7.58 -8.34
CA ASN A 1005 1.17 6.18 -8.52
C ASN A 1005 0.10 5.26 -7.94
N MET A 1006 -0.39 5.58 -6.75
CA MET A 1006 -1.36 4.73 -6.08
C MET A 1006 -2.80 5.04 -6.48
N MET A 1007 -3.05 6.11 -7.24
CA MET A 1007 -4.40 6.31 -7.76
C MET A 1007 -4.77 5.28 -8.82
N ILE A 1008 -3.82 4.44 -9.26
CA ILE A 1008 -4.15 3.42 -10.24
C ILE A 1008 -5.07 2.37 -9.62
N SER A 1009 -4.95 2.14 -8.32
CA SER A 1009 -5.89 1.26 -7.64
C SER A 1009 -7.31 1.80 -7.72
N VAL A 1010 -7.48 3.09 -7.45
CA VAL A 1010 -8.78 3.73 -7.63
C VAL A 1010 -9.27 3.53 -9.06
N GLU A 1011 -8.36 3.71 -10.03
CA GLU A 1011 -8.76 3.57 -11.43
C GLU A 1011 -9.28 2.17 -11.71
N ARG A 1012 -8.53 1.14 -11.30
CA ARG A 1012 -8.91 -0.23 -11.63
C ARG A 1012 -10.07 -0.75 -10.79
N VAL A 1013 -10.36 -0.11 -9.65
CA VAL A 1013 -11.53 -0.50 -8.87
C VAL A 1013 -12.82 -0.13 -9.58
N ILE A 1014 -12.89 1.07 -10.16
CA ILE A 1014 -14.08 1.50 -10.88
C ILE A 1014 -14.27 0.74 -12.18
N GLU A 1015 -13.29 -0.08 -12.57
CA GLU A 1015 -13.51 -1.00 -13.68
C GLU A 1015 -14.74 -1.86 -13.42
N TYR A 1016 -14.92 -2.31 -12.18
CA TYR A 1016 -16.15 -2.94 -11.75
C TYR A 1016 -17.17 -1.84 -11.46
N THR A 1017 -18.28 -2.21 -10.83
CA THR A 1017 -19.45 -1.37 -10.58
C THR A 1017 -20.25 -1.17 -11.86
N ASP A 1018 -19.77 -1.64 -13.01
CA ASP A 1018 -20.51 -1.54 -14.27
C ASP A 1018 -20.12 -2.75 -15.11
N LEU A 1019 -20.92 -3.81 -15.01
CA LEU A 1019 -20.64 -5.06 -15.71
C LEU A 1019 -21.92 -5.61 -16.31
N GLU A 1020 -21.86 -6.82 -16.86
CA GLU A 1020 -23.06 -7.47 -17.35
C GLU A 1020 -24.06 -7.63 -16.22
N LYS A 1021 -25.31 -7.93 -16.54
CA LYS A 1021 -26.35 -8.06 -15.52
C LYS A 1021 -27.45 -8.93 -16.07
N GLU A 1022 -27.66 -10.10 -15.46
CA GLU A 1022 -28.66 -11.02 -15.92
C GLU A 1022 -30.06 -10.50 -15.57
N ALA A 1023 -31.08 -11.24 -15.99
CA ALA A 1023 -32.46 -10.90 -15.70
C ALA A 1023 -32.64 -10.71 -14.20
N PRO A 1024 -33.67 -9.99 -13.76
CA PRO A 1024 -33.84 -9.76 -12.32
C PRO A 1024 -34.27 -11.03 -11.61
N TRP A 1025 -34.26 -10.94 -10.28
CA TRP A 1025 -34.53 -12.13 -9.46
C TRP A 1025 -36.01 -12.45 -9.39
N GLU A 1026 -36.86 -11.43 -9.31
CA GLU A 1026 -38.30 -11.65 -9.14
C GLU A 1026 -39.08 -10.62 -9.92
N TYR A 1027 -40.02 -11.08 -10.74
CA TYR A 1027 -40.93 -10.20 -11.46
C TYR A 1027 -42.13 -9.89 -10.56
N GLN A 1028 -43.16 -9.26 -11.13
CA GLN A 1028 -44.41 -9.04 -10.43
C GLN A 1028 -45.48 -10.08 -10.79
N LYS A 1029 -45.37 -10.72 -11.94
CA LYS A 1029 -46.32 -11.76 -12.35
C LYS A 1029 -46.00 -13.04 -11.59
N ARG A 1030 -46.33 -13.04 -10.31
CA ARG A 1030 -46.06 -14.17 -9.43
C ARG A 1030 -46.79 -15.41 -9.94
N PRO A 1031 -46.30 -16.61 -9.60
CA PRO A 1031 -47.00 -17.83 -10.01
C PRO A 1031 -48.04 -18.22 -8.98
N PRO A 1032 -48.82 -19.26 -9.26
CA PRO A 1032 -49.75 -19.77 -8.25
C PRO A 1032 -49.02 -20.10 -6.96
N PRO A 1033 -49.74 -20.18 -5.83
CA PRO A 1033 -49.07 -20.44 -4.55
C PRO A 1033 -48.24 -21.72 -4.56
N ALA A 1034 -48.60 -22.66 -5.44
CA ALA A 1034 -47.88 -23.92 -5.55
C ALA A 1034 -47.95 -24.37 -7.01
N TRP A 1035 -46.83 -24.29 -7.71
CA TRP A 1035 -46.77 -24.62 -9.12
C TRP A 1035 -45.71 -25.69 -9.41
N PRO A 1036 -45.59 -26.75 -8.59
CA PRO A 1036 -44.93 -27.98 -9.04
C PRO A 1036 -45.88 -29.09 -9.48
N HIS A 1037 -47.18 -28.81 -9.59
CA HIS A 1037 -48.21 -29.84 -9.61
C HIS A 1037 -47.84 -31.05 -10.47
N GLU A 1038 -47.69 -30.83 -11.77
CA GLU A 1038 -47.43 -31.90 -12.73
C GLU A 1038 -46.14 -31.56 -13.48
N GLY A 1039 -45.03 -32.15 -13.05
CA GLY A 1039 -43.78 -31.97 -13.74
C GLY A 1039 -43.83 -32.51 -15.15
N VAL A 1040 -43.92 -31.62 -16.14
CA VAL A 1040 -43.94 -32.00 -17.55
C VAL A 1040 -42.95 -31.07 -18.24
N ILE A 1041 -41.72 -31.53 -18.41
CA ILE A 1041 -40.66 -30.72 -19.01
C ILE A 1041 -40.64 -31.06 -20.49
N ILE A 1042 -41.51 -30.39 -21.25
CA ILE A 1042 -41.49 -30.55 -22.70
C ILE A 1042 -40.43 -29.61 -23.28
N PHE A 1043 -40.08 -29.85 -24.54
CA PHE A 1043 -38.98 -29.15 -25.18
C PHE A 1043 -39.38 -28.73 -26.59
N ASP A 1044 -38.44 -28.08 -27.27
CA ASP A 1044 -38.66 -27.53 -28.60
C ASP A 1044 -37.32 -27.60 -29.34
N ASN A 1045 -37.18 -26.82 -30.41
CA ASN A 1045 -35.94 -26.77 -31.18
C ASN A 1045 -34.93 -25.80 -30.57
N VAL A 1046 -35.02 -25.55 -29.26
CA VAL A 1046 -34.13 -24.60 -28.61
C VAL A 1046 -32.68 -24.97 -28.86
N ASN A 1047 -31.82 -23.95 -28.90
CA ASN A 1047 -30.39 -24.11 -29.09
C ASN A 1047 -29.65 -23.44 -27.93
N PHE A 1048 -28.32 -23.46 -28.00
CA PHE A 1048 -27.46 -22.91 -26.96
C PHE A 1048 -26.43 -21.99 -27.58
N MET A 1049 -25.92 -21.07 -26.75
CA MET A 1049 -24.82 -20.19 -27.16
C MET A 1049 -24.06 -19.80 -25.89
N TYR A 1050 -22.96 -20.49 -25.61
CA TYR A 1050 -22.12 -20.12 -24.48
C TYR A 1050 -21.57 -18.72 -24.66
N SER A 1051 -20.79 -18.52 -25.73
CA SER A 1051 -20.30 -17.20 -26.09
C SER A 1051 -21.36 -16.50 -26.95
N PRO A 1052 -21.31 -15.17 -27.07
CA PRO A 1052 -22.32 -14.50 -27.89
C PRO A 1052 -22.31 -14.94 -29.35
N GLY A 1053 -21.16 -15.37 -29.87
CA GLY A 1053 -21.08 -15.84 -31.24
C GLY A 1053 -20.24 -17.10 -31.36
N GLY A 1054 -20.26 -17.94 -30.33
CA GLY A 1054 -19.48 -19.15 -30.31
C GLY A 1054 -20.18 -20.30 -31.00
N PRO A 1055 -19.64 -21.51 -30.86
CA PRO A 1055 -20.24 -22.68 -31.49
C PRO A 1055 -21.36 -23.28 -30.66
N LEU A 1056 -22.29 -23.92 -31.37
CA LEU A 1056 -23.44 -24.55 -30.73
C LEU A 1056 -23.10 -25.96 -30.29
N VAL A 1057 -23.41 -26.29 -29.04
CA VAL A 1057 -23.19 -27.62 -28.50
C VAL A 1057 -24.50 -28.39 -28.37
N LEU A 1058 -25.55 -27.93 -29.07
CA LEU A 1058 -26.85 -28.58 -29.02
C LEU A 1058 -27.73 -28.03 -30.13
N LYS A 1059 -28.43 -28.91 -30.85
CA LYS A 1059 -29.19 -28.52 -32.04
C LYS A 1059 -30.50 -29.30 -32.08
N HIS A 1060 -31.61 -28.58 -32.00
CA HIS A 1060 -32.95 -29.13 -32.24
C HIS A 1060 -33.23 -30.33 -31.33
N LEU A 1061 -33.28 -30.05 -30.02
CA LEU A 1061 -33.59 -31.07 -29.02
C LEU A 1061 -35.06 -30.96 -28.65
N THR A 1062 -35.91 -31.43 -29.56
CA THR A 1062 -37.36 -31.45 -29.35
C THR A 1062 -37.74 -32.80 -28.77
N ALA A 1063 -38.13 -32.81 -27.49
CA ALA A 1063 -38.49 -34.04 -26.80
C ALA A 1063 -39.82 -33.87 -26.06
N LEU A 1064 -40.18 -34.86 -25.25
CA LEU A 1064 -41.44 -34.81 -24.50
C LEU A 1064 -41.30 -35.69 -23.27
N ILE A 1065 -41.35 -35.06 -22.09
CA ILE A 1065 -41.25 -35.76 -20.82
C ILE A 1065 -42.60 -35.71 -20.12
N LYS A 1066 -43.06 -36.84 -19.64
CA LYS A 1066 -44.38 -36.96 -19.02
C LYS A 1066 -44.25 -36.95 -17.49
N SER A 1067 -45.40 -36.79 -16.84
CA SER A 1067 -45.43 -36.70 -15.39
C SER A 1067 -45.09 -38.05 -14.77
N GLN A 1068 -44.21 -38.04 -13.76
CA GLN A 1068 -43.82 -39.24 -13.04
C GLN A 1068 -43.28 -40.31 -13.99
N GLU A 1069 -42.22 -39.94 -14.71
CA GLU A 1069 -41.56 -40.84 -15.65
C GLU A 1069 -40.06 -40.67 -15.48
N LYS A 1070 -39.40 -41.69 -14.93
CA LYS A 1070 -37.96 -41.65 -14.73
C LYS A 1070 -37.26 -41.79 -16.09
N VAL A 1071 -36.39 -40.82 -16.41
CA VAL A 1071 -35.73 -40.76 -17.70
C VAL A 1071 -34.23 -40.84 -17.50
N GLY A 1072 -33.55 -41.38 -18.49
CA GLY A 1072 -32.10 -41.46 -18.48
C GLY A 1072 -31.52 -40.94 -19.78
N ILE A 1073 -30.36 -40.30 -19.67
CA ILE A 1073 -29.69 -39.70 -20.81
C ILE A 1073 -28.34 -40.38 -20.96
N VAL A 1074 -28.04 -40.87 -22.16
CA VAL A 1074 -26.78 -41.53 -22.47
C VAL A 1074 -26.19 -40.88 -23.70
N GLY A 1075 -24.87 -40.87 -23.77
CA GLY A 1075 -24.20 -40.31 -24.93
C GLY A 1075 -22.70 -40.51 -24.84
N ARG A 1076 -22.00 -39.87 -25.77
CA ARG A 1076 -20.54 -39.92 -25.82
C ARG A 1076 -19.98 -38.68 -25.14
N THR A 1077 -19.07 -38.88 -24.19
CA THR A 1077 -18.50 -37.78 -23.42
C THR A 1077 -17.91 -36.72 -24.35
N GLY A 1078 -18.49 -35.53 -24.33
CA GLY A 1078 -18.04 -34.43 -25.17
C GLY A 1078 -18.96 -34.11 -26.33
N ALA A 1079 -20.11 -34.77 -26.44
CA ALA A 1079 -21.06 -34.53 -27.52
C ALA A 1079 -22.24 -33.67 -27.07
N GLY A 1080 -22.05 -32.85 -26.04
CA GLY A 1080 -23.13 -32.02 -25.53
C GLY A 1080 -24.03 -32.71 -24.54
N LYS A 1081 -23.49 -33.58 -23.68
CA LYS A 1081 -24.29 -34.30 -22.71
C LYS A 1081 -24.51 -33.48 -21.44
N SER A 1082 -23.50 -32.71 -21.01
CA SER A 1082 -23.59 -31.89 -19.82
C SER A 1082 -24.01 -30.45 -20.13
N SER A 1083 -24.74 -30.24 -21.23
CA SER A 1083 -25.21 -28.91 -21.60
C SER A 1083 -26.70 -28.73 -21.43
N LEU A 1084 -27.46 -29.81 -21.23
CA LEU A 1084 -28.89 -29.71 -21.00
C LEU A 1084 -29.22 -29.07 -19.65
N ILE A 1085 -28.22 -28.87 -18.80
CA ILE A 1085 -28.46 -28.30 -17.48
C ILE A 1085 -28.59 -26.78 -17.56
N SER A 1086 -27.85 -26.16 -18.48
CA SER A 1086 -27.79 -24.71 -18.58
C SER A 1086 -29.05 -24.09 -19.19
N ALA A 1087 -30.05 -24.88 -19.55
CA ALA A 1087 -31.31 -24.35 -20.08
C ALA A 1087 -32.43 -24.33 -19.05
N LEU A 1088 -32.54 -25.36 -18.23
CA LEU A 1088 -33.58 -25.36 -17.19
C LEU A 1088 -33.34 -24.26 -16.18
N PHE A 1089 -32.15 -24.24 -15.57
CA PHE A 1089 -31.77 -23.17 -14.66
C PHE A 1089 -31.38 -21.89 -15.39
N ARG A 1090 -31.38 -21.91 -16.73
CA ARG A 1090 -31.10 -20.75 -17.56
C ARG A 1090 -29.98 -19.90 -16.98
N LEU A 1091 -28.81 -20.53 -16.84
CA LEU A 1091 -27.61 -19.78 -16.50
C LEU A 1091 -27.19 -18.87 -17.65
N SER A 1092 -27.13 -19.44 -18.86
CA SER A 1092 -26.91 -18.69 -20.09
C SER A 1092 -28.21 -18.73 -20.88
N GLU A 1093 -28.89 -17.59 -20.99
CA GLU A 1093 -30.21 -17.54 -21.59
C GLU A 1093 -30.20 -18.12 -23.00
N PRO A 1094 -30.82 -19.27 -23.22
CA PRO A 1094 -30.82 -19.87 -24.56
C PRO A 1094 -31.92 -19.28 -25.44
N GLU A 1095 -31.94 -19.75 -26.69
CA GLU A 1095 -32.95 -19.32 -27.65
C GLU A 1095 -34.02 -20.39 -27.77
N GLY A 1096 -35.27 -19.94 -27.88
CA GLY A 1096 -36.38 -20.85 -28.07
C GLY A 1096 -37.40 -20.82 -26.95
N LYS A 1097 -38.12 -21.91 -26.76
CA LYS A 1097 -39.20 -22.00 -25.78
C LYS A 1097 -39.07 -23.29 -24.99
N ILE A 1098 -39.31 -23.21 -23.68
CA ILE A 1098 -39.31 -24.37 -22.81
C ILE A 1098 -40.48 -24.27 -21.85
N TRP A 1099 -41.55 -25.01 -22.11
CA TRP A 1099 -42.74 -25.00 -21.28
C TRP A 1099 -42.56 -25.96 -20.11
N ILE A 1100 -42.88 -25.50 -18.92
CA ILE A 1100 -42.84 -26.32 -17.70
C ILE A 1100 -44.15 -26.07 -16.97
N ASP A 1101 -45.08 -27.01 -17.12
CA ASP A 1101 -46.41 -26.92 -16.50
C ASP A 1101 -47.17 -25.70 -17.02
N LYS A 1102 -47.38 -25.68 -18.33
CA LYS A 1102 -48.27 -24.72 -18.98
C LYS A 1102 -47.70 -23.31 -19.01
N ILE A 1103 -46.47 -23.11 -18.52
CA ILE A 1103 -45.86 -21.79 -18.46
C ILE A 1103 -44.39 -21.91 -18.84
N LEU A 1104 -43.85 -20.87 -19.46
CA LEU A 1104 -42.48 -20.86 -19.92
C LEU A 1104 -41.52 -20.67 -18.74
N THR A 1105 -40.23 -20.58 -19.05
CA THR A 1105 -39.19 -20.28 -18.08
C THR A 1105 -38.53 -18.93 -18.34
N THR A 1106 -39.05 -18.16 -19.30
CA THR A 1106 -38.42 -16.92 -19.72
C THR A 1106 -39.14 -15.67 -19.20
N GLU A 1107 -40.42 -15.78 -18.84
CA GLU A 1107 -41.19 -14.67 -18.31
C GLU A 1107 -41.40 -14.80 -16.81
N ILE A 1108 -40.41 -15.37 -16.12
CA ILE A 1108 -40.47 -15.53 -14.67
C ILE A 1108 -39.06 -15.31 -14.12
N GLY A 1109 -39.00 -14.69 -12.94
CA GLY A 1109 -37.73 -14.45 -12.29
C GLY A 1109 -36.92 -15.72 -12.09
N LEU A 1110 -35.61 -15.57 -11.94
CA LEU A 1110 -34.75 -16.74 -11.79
C LEU A 1110 -35.05 -17.47 -10.50
N HIS A 1111 -35.13 -16.75 -9.39
CA HIS A 1111 -35.32 -17.38 -8.08
C HIS A 1111 -36.60 -18.21 -8.07
N ASP A 1112 -37.71 -17.64 -8.55
CA ASP A 1112 -38.99 -18.31 -8.50
C ASP A 1112 -38.96 -19.61 -9.29
N LEU A 1113 -37.96 -19.78 -10.17
CA LEU A 1113 -37.77 -21.01 -10.91
C LEU A 1113 -36.70 -21.90 -10.31
N ARG A 1114 -35.50 -21.36 -10.06
CA ARG A 1114 -34.42 -22.17 -9.53
C ARG A 1114 -34.76 -22.75 -8.16
N LYS A 1115 -35.70 -22.13 -7.45
CA LYS A 1115 -36.01 -22.59 -6.10
C LYS A 1115 -36.87 -23.85 -6.08
N LYS A 1116 -37.47 -24.21 -7.21
CA LYS A 1116 -38.39 -25.34 -7.27
C LYS A 1116 -37.85 -26.52 -8.04
N MET A 1117 -36.57 -26.51 -8.43
CA MET A 1117 -35.94 -27.62 -9.13
C MET A 1117 -34.69 -28.03 -8.34
N SER A 1118 -34.76 -29.17 -7.67
CA SER A 1118 -33.67 -29.64 -6.83
C SER A 1118 -32.67 -30.43 -7.67
N ILE A 1119 -31.38 -30.10 -7.52
CA ILE A 1119 -30.31 -30.76 -8.25
C ILE A 1119 -29.49 -31.59 -7.27
N ILE A 1120 -28.84 -32.62 -7.81
CA ILE A 1120 -27.90 -33.43 -7.05
C ILE A 1120 -26.55 -33.40 -7.77
N PRO A 1121 -25.63 -32.53 -7.36
CA PRO A 1121 -24.38 -32.37 -8.12
C PRO A 1121 -23.52 -33.62 -8.07
N GLN A 1122 -22.42 -33.59 -8.82
CA GLN A 1122 -21.51 -34.72 -8.87
C GLN A 1122 -20.53 -34.69 -7.70
N GLU A 1123 -19.93 -33.52 -7.43
CA GLU A 1123 -18.98 -33.36 -6.33
C GLU A 1123 -19.57 -32.44 -5.27
N PRO A 1124 -20.08 -32.97 -4.16
CA PRO A 1124 -20.62 -32.10 -3.12
C PRO A 1124 -19.59 -31.13 -2.59
N VAL A 1125 -20.06 -30.15 -1.82
CA VAL A 1125 -19.21 -29.16 -1.18
C VAL A 1125 -19.86 -28.74 0.12
N LEU A 1126 -19.04 -28.54 1.14
CA LEU A 1126 -19.48 -28.08 2.45
C LEU A 1126 -18.95 -26.68 2.69
N PHE A 1127 -19.74 -25.87 3.41
CA PHE A 1127 -19.41 -24.49 3.69
C PHE A 1127 -18.99 -24.32 5.15
N THR A 1128 -18.15 -23.33 5.39
CA THR A 1128 -17.64 -23.06 6.73
C THR A 1128 -18.79 -22.61 7.62
N GLY A 1129 -19.19 -23.46 8.55
CA GLY A 1129 -20.26 -23.13 9.45
C GLY A 1129 -20.67 -24.33 10.26
N THR A 1130 -21.83 -24.23 10.90
CA THR A 1130 -22.37 -25.33 11.67
C THR A 1130 -22.99 -26.37 10.74
N MET A 1131 -23.33 -27.52 11.30
CA MET A 1131 -24.05 -28.55 10.57
C MET A 1131 -25.55 -28.26 10.46
N ARG A 1132 -25.99 -27.10 10.96
CA ARG A 1132 -27.35 -26.65 10.80
C ARG A 1132 -27.52 -25.63 9.69
N LYS A 1133 -26.43 -24.96 9.28
CA LYS A 1133 -26.48 -23.98 8.20
C LYS A 1133 -26.45 -24.66 6.83
N ASN A 1134 -25.51 -25.59 6.63
CA ASN A 1134 -25.41 -26.28 5.36
C ASN A 1134 -26.69 -27.02 4.98
N LEU A 1135 -27.57 -27.29 5.95
CA LEU A 1135 -28.85 -27.95 5.67
C LEU A 1135 -30.03 -26.99 5.66
N ASP A 1136 -29.95 -25.87 6.36
CA ASP A 1136 -31.06 -24.94 6.43
C ASP A 1136 -30.58 -23.56 6.87
N PRO A 1137 -29.99 -22.77 5.97
CA PRO A 1137 -29.53 -21.43 6.37
C PRO A 1137 -30.66 -20.52 6.77
N PHE A 1138 -31.84 -20.66 6.17
CA PHE A 1138 -33.02 -19.91 6.54
C PHE A 1138 -33.87 -20.79 7.45
N ASN A 1139 -34.14 -20.32 8.66
CA ASN A 1139 -34.88 -21.11 9.64
C ASN A 1139 -36.33 -21.19 9.23
N GLU A 1140 -36.70 -22.27 8.53
CA GLU A 1140 -38.06 -22.48 8.06
C GLU A 1140 -38.60 -23.85 8.46
N HIS A 1141 -37.84 -24.64 9.21
CA HIS A 1141 -38.25 -25.99 9.58
C HIS A 1141 -38.02 -26.20 11.07
N THR A 1142 -38.24 -27.43 11.52
CA THR A 1142 -38.11 -27.80 12.93
C THR A 1142 -36.96 -28.76 13.13
N ASP A 1143 -36.36 -28.69 14.33
CA ASP A 1143 -35.18 -29.50 14.62
C ASP A 1143 -35.46 -30.99 14.44
N GLU A 1144 -36.54 -31.47 15.05
CA GLU A 1144 -36.87 -32.89 14.94
C GLU A 1144 -37.03 -33.32 13.49
N GLU A 1145 -37.46 -32.42 12.60
CA GLU A 1145 -37.53 -32.77 11.19
C GLU A 1145 -36.13 -33.04 10.63
N LEU A 1146 -35.17 -32.18 10.97
CA LEU A 1146 -33.80 -32.42 10.54
C LEU A 1146 -33.26 -33.71 11.12
N TRP A 1147 -33.60 -34.02 12.37
CA TRP A 1147 -33.15 -35.28 12.97
C TRP A 1147 -33.73 -36.47 12.23
N ASN A 1148 -35.03 -36.42 11.91
CA ASN A 1148 -35.66 -37.50 11.17
C ASN A 1148 -35.00 -37.67 9.80
N ALA A 1149 -34.72 -36.56 9.11
CA ALA A 1149 -34.08 -36.64 7.81
C ALA A 1149 -32.68 -37.27 7.93
N LEU A 1150 -31.90 -36.80 8.91
CA LEU A 1150 -30.54 -37.31 9.08
C LEU A 1150 -30.55 -38.81 9.39
N GLN A 1151 -31.47 -39.26 10.24
CA GLN A 1151 -31.51 -40.68 10.56
C GLN A 1151 -32.08 -41.49 9.40
N GLU A 1152 -32.89 -40.87 8.54
CA GLU A 1152 -33.39 -41.54 7.35
C GLU A 1152 -32.33 -41.65 6.26
N VAL A 1153 -31.32 -40.78 6.28
CA VAL A 1153 -30.20 -40.86 5.34
C VAL A 1153 -29.06 -41.70 5.90
N GLN A 1154 -29.31 -42.45 6.98
CA GLN A 1154 -28.31 -43.37 7.55
C GLN A 1154 -27.17 -42.60 8.21
N LEU A 1155 -27.48 -41.46 8.82
CA LEU A 1155 -26.46 -40.69 9.53
C LEU A 1155 -27.16 -39.98 10.70
N LYS A 1156 -27.15 -40.63 11.86
CA LYS A 1156 -27.61 -40.04 13.10
C LYS A 1156 -26.59 -40.15 14.21
N GLU A 1157 -25.85 -41.27 14.27
CA GLU A 1157 -24.83 -41.44 15.31
C GLU A 1157 -23.56 -40.69 14.94
N THR A 1158 -23.31 -40.45 13.66
CA THR A 1158 -22.09 -39.77 13.25
C THR A 1158 -21.99 -38.39 13.88
N ILE A 1159 -23.12 -37.71 14.08
CA ILE A 1159 -23.13 -36.39 14.69
C ILE A 1159 -23.28 -36.54 16.20
N GLU A 1160 -23.86 -37.66 16.63
CA GLU A 1160 -24.00 -37.92 18.05
C GLU A 1160 -22.64 -37.87 18.76
N ASP A 1161 -21.59 -38.31 18.07
CA ASP A 1161 -20.25 -38.29 18.67
C ASP A 1161 -19.83 -36.87 19.01
N LEU A 1162 -20.05 -35.92 18.10
CA LEU A 1162 -19.58 -34.57 18.30
C LEU A 1162 -20.36 -33.89 19.41
N PRO A 1163 -19.79 -32.85 20.03
CA PRO A 1163 -20.38 -32.29 21.27
C PRO A 1163 -21.75 -31.66 21.10
N GLY A 1164 -21.85 -30.67 20.19
CA GLY A 1164 -23.00 -29.78 20.20
C GLY A 1164 -24.26 -30.36 19.59
N LYS A 1165 -24.13 -31.05 18.46
CA LYS A 1165 -25.27 -31.56 17.69
C LYS A 1165 -25.96 -30.45 16.93
N MET A 1166 -25.60 -29.18 17.20
CA MET A 1166 -26.09 -28.05 16.42
C MET A 1166 -25.04 -26.98 16.21
N ASP A 1167 -23.80 -27.18 16.67
CA ASP A 1167 -22.74 -26.18 16.53
C ASP A 1167 -21.43 -26.86 16.19
N THR A 1168 -21.47 -27.97 15.46
CA THR A 1168 -20.28 -28.74 15.13
C THR A 1168 -19.57 -28.07 13.97
N GLU A 1169 -18.57 -27.26 14.30
CA GLU A 1169 -17.83 -26.53 13.27
C GLU A 1169 -17.04 -27.50 12.40
N LEU A 1170 -17.13 -27.30 11.09
CA LEU A 1170 -16.34 -28.04 10.12
C LEU A 1170 -15.56 -27.05 9.27
N ALA A 1171 -14.37 -27.44 8.87
CA ALA A 1171 -13.48 -26.56 8.13
C ALA A 1171 -12.67 -27.39 7.14
N GLU A 1172 -11.63 -26.77 6.58
CA GLU A 1172 -10.76 -27.44 5.60
C GLU A 1172 -11.56 -27.88 4.37
N SER A 1173 -12.62 -27.12 4.06
CA SER A 1173 -13.45 -27.41 2.89
C SER A 1173 -14.04 -28.82 2.97
N GLY A 1174 -14.65 -29.13 4.11
CA GLY A 1174 -15.27 -30.43 4.28
C GLY A 1174 -14.31 -31.59 4.08
N SER A 1175 -13.10 -31.47 4.62
CA SER A 1175 -12.12 -32.54 4.47
C SER A 1175 -12.28 -33.60 5.55
N ASN A 1176 -12.84 -33.26 6.70
CA ASN A 1176 -12.99 -34.20 7.80
C ASN A 1176 -13.95 -35.33 7.47
N PHE A 1177 -14.74 -35.23 6.40
CA PHE A 1177 -15.67 -36.26 5.99
C PHE A 1177 -15.23 -36.84 4.64
N SER A 1178 -15.83 -37.96 4.29
CA SER A 1178 -15.56 -38.64 3.03
C SER A 1178 -16.65 -38.33 2.02
N VAL A 1179 -16.32 -38.49 0.74
CA VAL A 1179 -17.26 -38.18 -0.34
C VAL A 1179 -18.60 -38.86 -0.09
N GLY A 1180 -18.59 -40.04 0.53
CA GLY A 1180 -19.86 -40.70 0.82
C GLY A 1180 -20.73 -39.89 1.74
N GLN A 1181 -20.17 -39.42 2.86
CA GLN A 1181 -20.96 -38.60 3.78
C GLN A 1181 -21.39 -37.30 3.14
N ARG A 1182 -20.57 -36.74 2.24
CA ARG A 1182 -20.94 -35.50 1.56
C ARG A 1182 -22.14 -35.72 0.65
N GLN A 1183 -22.10 -36.77 -0.17
CA GLN A 1183 -23.25 -37.09 -1.00
C GLN A 1183 -24.48 -37.40 -0.15
N LEU A 1184 -24.29 -38.04 1.01
CA LEU A 1184 -25.41 -38.34 1.88
C LEU A 1184 -26.05 -37.07 2.41
N VAL A 1185 -25.24 -36.10 2.84
CA VAL A 1185 -25.80 -34.87 3.36
C VAL A 1185 -26.44 -34.06 2.23
N CYS A 1186 -25.92 -34.18 1.01
CA CYS A 1186 -26.58 -33.51 -0.13
C CYS A 1186 -27.95 -34.13 -0.40
N LEU A 1187 -28.02 -35.46 -0.37
CA LEU A 1187 -29.31 -36.13 -0.47
C LEU A 1187 -30.25 -35.69 0.66
N ALA A 1188 -29.69 -35.43 1.84
CA ALA A 1188 -30.50 -34.93 2.94
C ALA A 1188 -31.05 -33.54 2.62
N ARG A 1189 -30.20 -32.66 2.09
CA ARG A 1189 -30.67 -31.37 1.62
C ARG A 1189 -31.86 -31.55 0.68
N ALA A 1190 -31.68 -32.39 -0.35
CA ALA A 1190 -32.72 -32.59 -1.34
C ALA A 1190 -34.00 -33.10 -0.69
N ILE A 1191 -33.88 -34.04 0.24
CA ILE A 1191 -35.05 -34.60 0.91
C ILE A 1191 -35.80 -33.52 1.66
N LEU A 1192 -35.08 -32.79 2.53
CA LEU A 1192 -35.72 -31.75 3.33
C LEU A 1192 -36.36 -30.70 2.44
N ARG A 1193 -35.74 -30.41 1.29
CA ARG A 1193 -36.32 -29.43 0.37
C ARG A 1193 -37.69 -29.90 -0.11
N LYS A 1194 -37.82 -31.18 -0.46
CA LYS A 1194 -39.09 -31.79 -0.81
C LYS A 1194 -39.75 -31.08 -2.00
N ASN A 1195 -39.07 -31.15 -3.14
CA ASN A 1195 -39.61 -30.66 -4.39
C ASN A 1195 -40.14 -31.82 -5.23
N GLN A 1196 -40.81 -31.49 -6.33
CA GLN A 1196 -41.35 -32.48 -7.24
C GLN A 1196 -40.36 -32.88 -8.32
N ILE A 1197 -39.73 -31.90 -8.97
CA ILE A 1197 -38.73 -32.19 -9.98
C ILE A 1197 -37.39 -32.48 -9.30
N LEU A 1198 -36.59 -33.33 -9.95
CA LEU A 1198 -35.31 -33.74 -9.39
C LEU A 1198 -34.34 -34.01 -10.54
N ILE A 1199 -33.23 -33.31 -10.55
CA ILE A 1199 -32.22 -33.42 -11.60
C ILE A 1199 -30.99 -34.08 -10.98
N ILE A 1200 -30.76 -35.33 -11.36
CA ILE A 1200 -29.63 -36.10 -10.84
C ILE A 1200 -28.46 -36.00 -11.82
N ASP A 1201 -27.27 -35.83 -11.27
CA ASP A 1201 -26.02 -35.90 -12.01
C ASP A 1201 -25.10 -36.88 -11.28
N GLU A 1202 -24.04 -37.32 -11.95
CA GLU A 1202 -23.16 -38.30 -11.36
C GLU A 1202 -21.81 -38.28 -12.04
N ALA A 1203 -20.75 -38.43 -11.25
CA ALA A 1203 -19.40 -38.60 -11.76
C ALA A 1203 -18.74 -39.66 -10.90
N THR A 1204 -18.70 -40.90 -11.40
CA THR A 1204 -18.31 -42.05 -10.60
C THR A 1204 -16.79 -42.13 -10.52
N ALA A 1205 -16.24 -41.78 -9.36
CA ALA A 1205 -14.82 -41.96 -9.09
C ALA A 1205 -14.58 -42.47 -7.67
N ASN A 1206 -15.61 -42.92 -6.98
CA ASN A 1206 -15.50 -43.40 -5.60
C ASN A 1206 -15.32 -44.91 -5.59
N VAL A 1207 -15.43 -45.50 -4.41
CA VAL A 1207 -15.18 -46.93 -4.25
C VAL A 1207 -16.50 -47.69 -4.22
N ASP A 1208 -16.39 -49.00 -4.46
CA ASP A 1208 -17.53 -49.91 -4.61
C ASP A 1208 -18.35 -50.14 -3.33
N PRO A 1209 -17.77 -50.01 -2.12
CA PRO A 1209 -18.52 -50.41 -0.92
C PRO A 1209 -19.86 -49.71 -0.75
N ARG A 1210 -20.56 -50.10 0.31
CA ARG A 1210 -22.00 -49.87 0.48
C ARG A 1210 -22.47 -48.44 0.24
N THR A 1211 -21.54 -47.48 0.17
CA THR A 1211 -21.93 -46.09 -0.04
C THR A 1211 -22.82 -45.92 -1.27
N ASP A 1212 -22.29 -46.28 -2.45
CA ASP A 1212 -23.04 -46.06 -3.69
C ASP A 1212 -24.28 -46.94 -3.76
N GLU A 1213 -24.19 -48.19 -3.32
CA GLU A 1213 -25.37 -49.04 -3.32
C GLU A 1213 -26.47 -48.43 -2.46
N LEU A 1214 -26.11 -47.88 -1.31
CA LEU A 1214 -27.10 -47.30 -0.43
C LEU A 1214 -27.72 -46.04 -1.03
N ILE A 1215 -26.90 -45.16 -1.59
CA ILE A 1215 -27.46 -43.93 -2.17
C ILE A 1215 -28.37 -44.29 -3.34
N GLN A 1216 -28.01 -45.32 -4.12
CA GLN A 1216 -28.86 -45.74 -5.23
C GLN A 1216 -30.17 -46.32 -4.72
N LYS A 1217 -30.11 -47.18 -3.70
CA LYS A 1217 -31.33 -47.73 -3.13
C LYS A 1217 -32.25 -46.62 -2.64
N LYS A 1218 -31.67 -45.62 -1.97
CA LYS A 1218 -32.48 -44.53 -1.44
C LYS A 1218 -33.09 -43.70 -2.56
N ILE A 1219 -32.32 -43.42 -3.61
CA ILE A 1219 -32.85 -42.68 -4.74
C ILE A 1219 -33.99 -43.45 -5.39
N ARG A 1220 -33.90 -44.78 -5.40
CA ARG A 1220 -34.89 -45.59 -6.09
C ARG A 1220 -36.14 -45.82 -5.25
N GLU A 1221 -36.01 -45.82 -3.92
CA GLU A 1221 -37.12 -46.18 -3.03
C GLU A 1221 -37.74 -44.97 -2.35
N LYS A 1222 -36.91 -44.06 -1.84
CA LYS A 1222 -37.43 -42.94 -1.06
C LYS A 1222 -38.35 -42.06 -1.89
N PHE A 1223 -37.83 -41.48 -2.95
CA PHE A 1223 -38.62 -40.58 -3.79
C PHE A 1223 -39.86 -41.27 -4.32
N ALA A 1224 -41.01 -40.62 -4.16
CA ALA A 1224 -42.30 -41.20 -4.56
C ALA A 1224 -42.54 -40.99 -6.06
N HIS A 1225 -41.55 -41.42 -6.85
CA HIS A 1225 -41.63 -41.38 -8.30
C HIS A 1225 -42.09 -39.99 -8.78
N CYS A 1226 -41.27 -39.00 -8.45
CA CYS A 1226 -41.60 -37.60 -8.69
C CYS A 1226 -40.70 -37.05 -9.80
N THR A 1227 -41.12 -37.28 -11.05
CA THR A 1227 -40.54 -36.60 -12.21
C THR A 1227 -39.02 -36.54 -12.17
N VAL A 1228 -38.38 -37.70 -12.21
CA VAL A 1228 -36.93 -37.76 -12.16
C VAL A 1228 -36.36 -37.91 -13.56
N LEU A 1229 -35.13 -37.43 -13.75
CA LEU A 1229 -34.39 -37.63 -14.99
C LEU A 1229 -32.91 -37.65 -14.64
N THR A 1230 -32.22 -38.72 -15.04
CA THR A 1230 -30.89 -39.01 -14.55
C THR A 1230 -29.84 -38.86 -15.66
N ILE A 1231 -28.63 -38.50 -15.23
CA ILE A 1231 -27.46 -38.46 -16.10
C ILE A 1231 -26.43 -39.44 -15.55
N ALA A 1232 -25.62 -39.99 -16.45
CA ALA A 1232 -24.58 -40.94 -16.05
C ALA A 1232 -23.75 -41.29 -17.26
N HIS A 1233 -22.58 -41.87 -16.99
CA HIS A 1233 -21.67 -42.36 -18.02
C HIS A 1233 -21.61 -43.88 -18.10
N ARG A 1234 -21.65 -44.56 -16.96
CA ARG A 1234 -21.64 -46.02 -16.94
C ARG A 1234 -22.97 -46.55 -17.43
N LEU A 1235 -22.93 -47.42 -18.44
CA LEU A 1235 -24.16 -47.94 -19.03
C LEU A 1235 -24.97 -48.72 -18.02
N ASN A 1236 -24.30 -49.35 -17.04
CA ASN A 1236 -25.02 -50.17 -16.07
C ASN A 1236 -25.82 -49.31 -15.10
N THR A 1237 -25.36 -48.09 -14.81
CA THR A 1237 -26.05 -47.25 -13.84
C THR A 1237 -27.48 -46.96 -14.28
N ILE A 1238 -27.68 -46.67 -15.56
CA ILE A 1238 -29.01 -46.35 -16.09
C ILE A 1238 -29.64 -47.68 -16.50
N ILE A 1239 -30.40 -48.28 -15.58
CA ILE A 1239 -31.11 -49.52 -15.83
C ILE A 1239 -32.46 -49.45 -15.14
N ASP A 1240 -33.44 -50.17 -15.68
CA ASP A 1240 -34.82 -50.22 -15.21
C ASP A 1240 -35.57 -48.91 -15.49
N SER A 1241 -34.94 -47.95 -16.16
CA SER A 1241 -35.60 -46.69 -16.44
C SER A 1241 -36.73 -46.88 -17.46
N ASP A 1242 -37.63 -45.90 -17.49
CA ASP A 1242 -38.76 -45.97 -18.41
C ASP A 1242 -38.33 -45.61 -19.83
N LYS A 1243 -37.82 -44.39 -20.02
CA LYS A 1243 -37.40 -43.90 -21.32
C LYS A 1243 -35.94 -43.49 -21.26
N ILE A 1244 -35.24 -43.64 -22.38
CA ILE A 1244 -33.82 -43.34 -22.48
C ILE A 1244 -33.60 -42.34 -23.60
N MET A 1245 -32.56 -41.53 -23.45
CA MET A 1245 -32.19 -40.51 -24.42
C MET A 1245 -30.75 -40.75 -24.85
N VAL A 1246 -30.54 -41.05 -26.13
CA VAL A 1246 -29.21 -41.23 -26.68
C VAL A 1246 -28.80 -39.92 -27.34
N LEU A 1247 -27.74 -39.30 -26.82
CA LEU A 1247 -27.30 -37.99 -27.28
C LEU A 1247 -26.13 -38.17 -28.24
N ASP A 1248 -26.39 -37.95 -29.53
CA ASP A 1248 -25.35 -37.99 -30.55
C ASP A 1248 -24.60 -36.66 -30.56
N SER A 1249 -23.90 -36.36 -31.64
CA SER A 1249 -22.97 -35.24 -31.70
C SER A 1249 -23.67 -33.91 -31.94
N GLY A 1250 -24.94 -33.81 -31.54
CA GLY A 1250 -25.67 -32.56 -31.69
C GLY A 1250 -27.15 -32.71 -31.95
N ARG A 1251 -27.61 -33.94 -32.15
CA ARG A 1251 -29.02 -34.25 -32.33
C ARG A 1251 -29.44 -35.30 -31.32
N LEU A 1252 -30.66 -35.82 -31.47
CA LEU A 1252 -31.19 -36.81 -30.54
C LEU A 1252 -32.18 -37.71 -31.25
N LYS A 1253 -32.02 -39.03 -31.07
CA LYS A 1253 -32.89 -40.05 -31.66
C LYS A 1253 -33.27 -41.03 -30.54
N GLU A 1254 -34.36 -40.72 -29.84
CA GLU A 1254 -34.77 -41.53 -28.71
C GLU A 1254 -35.61 -42.72 -29.15
N TYR A 1255 -35.95 -43.57 -28.19
CA TYR A 1255 -36.83 -44.72 -28.42
C TYR A 1255 -37.80 -44.80 -27.25
N ASP A 1256 -38.76 -45.73 -27.36
CA ASP A 1256 -39.84 -45.80 -26.37
C ASP A 1256 -39.34 -46.37 -25.05
N GLU A 1257 -38.87 -47.61 -25.06
CA GLU A 1257 -38.49 -48.31 -23.84
C GLU A 1257 -37.15 -49.02 -24.03
N PRO A 1258 -36.45 -49.38 -22.96
CA PRO A 1258 -35.20 -50.14 -23.11
C PRO A 1258 -35.40 -51.57 -23.58
N TYR A 1259 -36.64 -52.05 -23.67
CA TYR A 1259 -36.87 -53.39 -24.18
C TYR A 1259 -36.59 -53.47 -25.68
N VAL A 1260 -36.64 -52.33 -26.38
CA VAL A 1260 -36.45 -52.30 -27.83
C VAL A 1260 -35.02 -51.92 -28.14
N LEU A 1261 -34.39 -51.16 -27.25
CA LEU A 1261 -33.02 -50.70 -27.49
C LEU A 1261 -32.06 -51.88 -27.68
N LEU A 1262 -32.25 -52.95 -26.92
CA LEU A 1262 -31.38 -54.11 -27.01
C LEU A 1262 -32.15 -55.40 -26.72
C2 P2E B . 15.91 12.16 4.82
C3 P2E B . 16.39 10.75 4.55
C4 P2E B . 15.33 9.97 3.86
C5 P2E B . 14.82 10.72 2.64
C6 P2E B . 15.71 11.09 1.65
C7 P2E B . 15.19 11.87 0.39
C8 P2E B . 15.07 13.42 0.71
C9 P2E B . 15.46 14.15 -0.39
O3 P2E B . 16.57 14.52 -0.64
C12 P2E B . 13.58 13.81 0.93
C11 P2E B . 12.98 13.97 -0.56
O4 P2E B . 12.60 12.72 -1.13
C10 P2E B . 14.15 14.46 -1.35
C13 P2E B . 13.48 15.04 1.63
C14 P2E B . 13.80 15.11 2.95
C15 P2E B . 13.69 16.47 3.73
O5 P2E B . 13.68 17.52 2.81
C16 P2E B . 12.39 16.50 4.57
C17 P2E B . 12.54 17.56 5.67
C18 P2E B . 11.25 18.45 5.74
C19 P2E B . 10.04 17.60 6.22
C20 P2E B . 8.81 18.55 6.47
O1 P2E B . 17.85 13.31 5.67
C1 P2E B . 16.75 12.79 5.93
O2 P2E B . 16.33 12.76 7.12
H2 P2E B . 14.98 12.13 5.09
H2A P2E B . 15.99 12.69 4.01
H3 P2E B . 17.18 10.79 4.00
H3A P2E B . 16.61 10.33 5.40
H4 P2E B . 15.69 9.11 3.58
H4A P2E B . 14.59 9.82 4.47
H5 P2E B . 13.93 10.93 2.55
H6 P2E B . 16.62 10.88 1.73
H7 P2E B . 14.33 11.53 0.13
H7A P2E B . 15.82 11.74 -0.34
H8 P2E B . 15.61 13.65 1.48
H12 P2E B . 13.10 13.11 1.38
H11 P2E B . 12.33 14.64 -0.64
HO4 P2E B . 12.11 12.32 -0.55
H10 P2E B . 14.03 15.40 -1.46
H10A P2E B . 14.18 13.97 -2.15
H13 P2E B . 13.20 15.81 1.17
H14 P2E B . 14.08 14.34 3.41
H15 P2E B . 14.46 16.56 4.31
HO5 P2E B . 12.94 17.54 2.40
H16 P2E B . 11.65 16.74 3.99
H16A P2E B . 12.24 15.64 4.96
H17 P2E B . 12.66 17.12 6.53
H17A P2E B . 13.31 18.13 5.49
H18 P2E B . 11.40 19.18 6.35
H18A P2E B . 11.06 18.81 4.86
H19 P2E B . 9.81 16.95 5.54
H19A P2E B . 10.26 17.14 7.04
H20 P2E B . 8.07 18.04 6.82
H20A P2E B . 8.55 18.97 5.63
H20B P2E B . 9.06 19.23 7.11
#